data_8GUD
#
_entry.id   8GUD
#
_cell.length_a   1.00
_cell.length_b   1.00
_cell.length_c   1.00
_cell.angle_alpha   90.00
_cell.angle_beta   90.00
_cell.angle_gamma   90.00
#
_symmetry.space_group_name_H-M   'P 1'
#
loop_
_entity.id
_entity.type
_entity.pdbx_description
1 polymer 'Phosphatidylinositol 4,5-bisphosphate 3-kinase catalytic subunit alpha isoform'
2 non-polymer (2S)-N~1~-{4-methyl-5-[2-(1,1,1-trifluoro-2-methylpropan-2-yl)pyridin-4-yl]-1,3-thiazol-2-yl}pyrrolidine-1,2-dicarboxamide
#
_entity_poly.entity_id   1
_entity_poly.type   'polypeptide(L)'
_entity_poly.pdbx_seq_one_letter_code
;MSYYHHHHHHDYDIPTTENLYFQGAMGSMPPRPSSGELWGIHLMPPRILVECLLPNGMIVTLECLREATLITIKHELFKE
ARKYPLHQLLQDESSYIFVSVTQEAEREEFFDETRRLCDLRLFQPFLKVIEPVGNREEKILNREIGFAIGMPVCEFDMVK
DPEVQDFRRNILNVCKEAVDLRDLNSPHSRAMYVYPPNVESSPELPKHIYNKLDKGQIIVVIWVIVSPNNDKQKYTLKIN
HDCVPEQVIAEAIRKKTRSMLLSSEQLKLCVLEYQGKYILKVCGCDEYFLEKYPLSQYKYIRSCIMLGRMPNLMLMAKES
LYSQLPMDCFTMPSYSRRISTATPYMNGETSTKSLWVINSALRIKILCATYVNVNIRDIDKIYVRTGIYHGGEPLCDNVN
TQRVPCSNPRWNEWLNYDIYIPDLPRAARLCLSICSVKGRKGAKEEHCPLAWGNINLFDYTDTLVSGKMALNLWPVPHGL
EDLLNPIGVTGSNPNKETPCLELEFDWFSSVVKFPDMSVIEEHANWSVSREAGFSYSHAGLSNRLARDNELRENDKEQLK
AISTRDPLSEITKQEKDFLWSHRHYCVTIPEILPKLLLSVKWNSRDEVAQMYCLVKDWPPIKPEQAMELLDCNYPDPMVR
GFAVRCLEKYLTDDKLSQYLIQLVQVLKYEQYLDNLLVRFLLKKALTNQRIGHFFFWHLKSEMHNKTVSQRFGLLLESYC
RACGMYLKHLNRQVEAMEKLINLTDILKQEKKDETQKVQMKFLVEQMRRPDFMDALQGFLSPLNPAHQLGNLRLEECRIM
SSAKRPLWLNWENPDIMSELLFQNNEIIFKNGDDLRQDMLTLQIIRIMENIWQNQGLDLRMLPYGCLSIGDCVGLIEVVR
NSHTIMQIQCKGGLKGALQFNSHTLHQWLKDKNKGEIYDAAIDLFTRSCAGYCVATFILGIGDRHNSNIMVKDDGQLFHI
DFGHFLDHKKKKFGYKRERVPFVLTQDFLIVISKGAQECTKTREFERFQEMCYKAYLAIRQHANLFINLFSMMLGSGMPE
LQSFDDIAYIRKTLALDKTEQEALEYFMKQMNDAHHGGWTTKMDWIFHTIKQHALN
;
_entity_poly.pdbx_strand_id   A
#
loop_
_chem_comp.id
_chem_comp.type
_chem_comp.name
_chem_comp.formula
1LT non-polymer (2S)-N~1~-{4-methyl-5-[2-(1,1,1-trifluoro-2-methylpropan-2-yl)pyridin-4-yl]-1,3-thiazol-2-yl}pyrrolidine-1,2-dicarboxamide 'C19 H22 F3 N5 O2 S'
#
# COMPACT_ATOMS: atom_id res chain seq x y z
N ASN A 135 -3.33 -4.46 -38.59
CA ASN A 135 -4.53 -3.79 -38.11
C ASN A 135 -4.19 -2.45 -37.49
N ARG A 136 -5.10 -1.48 -37.62
CA ARG A 136 -4.93 -0.15 -37.06
C ARG A 136 -5.55 0.00 -35.68
N GLU A 137 -6.17 -1.05 -35.15
CA GLU A 137 -6.71 -1.04 -33.80
C GLU A 137 -6.05 -2.06 -32.88
N GLU A 138 -5.49 -3.15 -33.42
CA GLU A 138 -4.73 -4.10 -32.64
C GLU A 138 -3.27 -3.69 -32.50
N LYS A 139 -2.64 -3.27 -33.60
CA LYS A 139 -1.25 -2.85 -33.56
C LYS A 139 -1.08 -1.43 -33.06
N ILE A 140 -2.16 -0.64 -33.00
CA ILE A 140 -2.06 0.72 -32.49
C ILE A 140 -1.74 0.70 -31.00
N LEU A 141 -2.13 -0.35 -30.29
CA LEU A 141 -2.02 -0.39 -28.84
C LEU A 141 -0.91 -1.31 -28.34
N ASN A 142 -0.49 -2.29 -29.13
CA ASN A 142 0.40 -3.34 -28.63
C ASN A 142 1.85 -2.90 -28.56
N ARG A 143 2.18 -1.69 -29.04
CA ARG A 143 3.49 -1.11 -28.84
C ARG A 143 3.50 -0.05 -27.75
N GLU A 144 2.42 0.74 -27.66
CA GLU A 144 2.24 1.60 -26.50
C GLU A 144 2.27 0.79 -25.22
N ILE A 145 1.62 -0.37 -25.23
CA ILE A 145 1.65 -1.25 -24.07
C ILE A 145 3.07 -1.75 -23.82
N GLY A 146 3.77 -2.17 -24.87
CA GLY A 146 5.12 -2.65 -24.71
C GLY A 146 6.07 -1.60 -24.15
N PHE A 147 5.77 -0.33 -24.37
CA PHE A 147 6.54 0.73 -23.72
C PHE A 147 6.07 1.04 -22.31
N ALA A 148 4.76 1.01 -22.05
CA ALA A 148 4.22 1.30 -20.74
C ALA A 148 4.37 0.14 -19.76
N ILE A 149 4.92 -0.99 -20.20
CA ILE A 149 5.40 -2.02 -19.29
C ILE A 149 6.89 -2.29 -19.42
N GLY A 150 7.51 -2.05 -20.57
CA GLY A 150 8.89 -2.38 -20.77
C GLY A 150 9.14 -3.81 -21.17
N MET A 151 8.09 -4.60 -21.37
CA MET A 151 8.20 -5.97 -21.84
C MET A 151 7.25 -6.12 -23.02
N PRO A 152 7.75 -6.52 -24.20
CA PRO A 152 6.87 -6.60 -25.37
C PRO A 152 5.76 -7.62 -25.17
N VAL A 153 4.58 -7.29 -25.71
CA VAL A 153 3.45 -8.21 -25.68
C VAL A 153 3.78 -9.48 -26.47
N CYS A 154 4.71 -9.38 -27.43
CA CYS A 154 5.17 -10.57 -28.13
C CYS A 154 5.85 -11.55 -27.19
N GLU A 155 6.65 -11.04 -26.25
CA GLU A 155 7.37 -11.93 -25.34
C GLU A 155 6.43 -12.70 -24.42
N PHE A 156 5.24 -12.17 -24.16
CA PHE A 156 4.22 -12.94 -23.44
C PHE A 156 3.25 -13.65 -24.36
N ASP A 157 3.30 -13.41 -25.68
CA ASP A 157 2.59 -14.28 -26.60
C ASP A 157 3.33 -15.61 -26.79
N MET A 158 4.66 -15.58 -26.69
CA MET A 158 5.50 -16.76 -26.87
C MET A 158 5.71 -17.56 -25.60
N VAL A 159 5.19 -17.10 -24.46
CA VAL A 159 5.34 -17.86 -23.21
C VAL A 159 4.65 -19.20 -23.35
N LYS A 160 5.39 -20.28 -23.15
CA LYS A 160 4.86 -21.62 -23.35
C LYS A 160 4.02 -22.10 -22.17
N ASP A 161 4.11 -21.43 -21.03
CA ASP A 161 3.38 -21.86 -19.85
C ASP A 161 1.88 -21.76 -20.11
N PRO A 162 1.12 -22.84 -19.91
CA PRO A 162 -0.31 -22.80 -20.23
C PRO A 162 -1.11 -21.84 -19.38
N GLU A 163 -0.60 -21.44 -18.21
CA GLU A 163 -1.33 -20.53 -17.32
C GLU A 163 -0.96 -19.07 -17.55
N VAL A 164 -0.98 -18.64 -18.81
CA VAL A 164 -0.95 -17.22 -19.13
C VAL A 164 -2.05 -16.93 -20.15
N GLN A 165 -2.12 -17.73 -21.21
CA GLN A 165 -3.13 -17.51 -22.24
C GLN A 165 -4.55 -17.63 -21.69
N ASP A 166 -4.78 -18.57 -20.79
CA ASP A 166 -6.10 -18.67 -20.19
C ASP A 166 -6.41 -17.44 -19.34
N PHE A 167 -5.40 -16.89 -18.67
CA PHE A 167 -5.60 -15.68 -17.89
C PHE A 167 -5.98 -14.50 -18.78
N ARG A 168 -5.17 -14.25 -19.81
CA ARG A 168 -5.36 -13.08 -20.67
C ARG A 168 -6.66 -13.13 -21.45
N ARG A 169 -7.27 -14.30 -21.61
CA ARG A 169 -8.44 -14.43 -22.46
C ARG A 169 -9.60 -13.66 -21.82
N ASN A 170 -10.74 -13.63 -22.51
CA ASN A 170 -11.84 -12.73 -22.19
C ASN A 170 -12.32 -12.84 -20.75
N ILE A 171 -11.82 -13.81 -19.97
CA ILE A 171 -12.25 -13.94 -18.58
C ILE A 171 -11.87 -12.70 -17.78
N LEU A 172 -10.66 -12.18 -17.98
CA LEU A 172 -10.34 -10.90 -17.36
C LEU A 172 -10.93 -9.74 -18.15
N ASN A 173 -11.04 -9.87 -19.47
CA ASN A 173 -11.54 -8.81 -20.32
C ASN A 173 -13.00 -8.47 -20.05
N VAL A 174 -13.66 -9.17 -19.13
CA VAL A 174 -14.91 -8.68 -18.56
C VAL A 174 -14.69 -7.36 -17.83
N CYS A 175 -13.43 -6.96 -17.64
CA CYS A 175 -13.10 -5.62 -17.18
C CYS A 175 -13.58 -4.55 -18.15
N LYS A 176 -13.91 -4.93 -19.39
CA LYS A 176 -14.58 -3.99 -20.28
C LYS A 176 -15.88 -3.47 -19.68
N GLU A 177 -16.51 -4.26 -18.80
CA GLU A 177 -17.68 -3.77 -18.08
C GLU A 177 -17.33 -2.53 -17.26
N ALA A 178 -16.12 -2.50 -16.69
CA ALA A 178 -15.63 -1.31 -16.03
C ALA A 178 -15.69 -0.11 -16.97
N VAL A 179 -15.24 -0.30 -18.21
CA VAL A 179 -15.38 0.76 -19.21
C VAL A 179 -16.85 1.08 -19.44
N ASP A 180 -17.69 0.04 -19.53
CA ASP A 180 -19.13 0.25 -19.59
C ASP A 180 -19.61 1.07 -18.39
N LEU A 181 -18.98 0.87 -17.23
CA LEU A 181 -19.30 1.69 -16.07
C LEU A 181 -18.85 3.13 -16.26
N ARG A 182 -17.66 3.33 -16.82
CA ARG A 182 -17.10 4.68 -16.91
C ARG A 182 -17.67 5.50 -18.06
N ASP A 183 -18.44 4.87 -18.97
CA ASP A 183 -19.09 5.59 -20.05
C ASP A 183 -20.61 5.44 -19.98
N LEU A 184 -21.15 5.17 -18.80
CA LEU A 184 -22.58 4.90 -18.67
C LEU A 184 -23.41 6.14 -18.99
N ASN A 185 -23.04 7.29 -18.44
CA ASN A 185 -23.73 8.56 -18.70
C ASN A 185 -22.68 9.59 -19.08
N SER A 186 -22.33 9.61 -20.36
CA SER A 186 -21.39 10.60 -20.87
C SER A 186 -22.03 11.98 -20.90
N PRO A 187 -21.25 13.05 -20.66
CA PRO A 187 -19.83 13.02 -20.33
C PRO A 187 -19.54 13.12 -18.84
N HIS A 188 -20.59 13.23 -18.02
CA HIS A 188 -20.40 13.37 -16.59
C HIS A 188 -19.72 12.15 -15.99
N SER A 189 -20.17 10.95 -16.39
CA SER A 189 -19.52 9.73 -15.91
C SER A 189 -18.08 9.65 -16.40
N ARG A 190 -17.85 9.99 -17.67
CA ARG A 190 -16.50 10.01 -18.21
C ARG A 190 -15.63 11.00 -17.44
N ALA A 191 -16.17 12.19 -17.15
CA ALA A 191 -15.41 13.21 -16.45
C ALA A 191 -15.06 12.78 -15.04
N MET A 192 -16.04 12.24 -14.31
CA MET A 192 -15.77 11.72 -12.97
C MET A 192 -14.76 10.58 -13.00
N TYR A 193 -14.72 9.82 -14.10
CA TYR A 193 -13.69 8.80 -14.24
C TYR A 193 -12.32 9.44 -14.45
N VAL A 194 -12.22 10.40 -15.37
CA VAL A 194 -10.93 10.92 -15.82
C VAL A 194 -10.28 11.78 -14.74
N TYR A 195 -11.06 12.56 -14.01
CA TYR A 195 -10.50 13.38 -12.94
C TYR A 195 -11.05 12.90 -11.60
N PRO A 196 -10.28 12.16 -10.81
CA PRO A 196 -10.81 11.63 -9.56
C PRO A 196 -10.67 12.63 -8.44
N PRO A 197 -11.78 12.98 -7.78
CA PRO A 197 -11.70 13.90 -6.64
C PRO A 197 -10.80 13.33 -5.54
N ASN A 198 -10.04 14.23 -4.92
CA ASN A 198 -9.21 13.89 -3.77
C ASN A 198 -10.00 14.29 -2.52
N VAL A 199 -10.47 13.30 -1.77
CA VAL A 199 -11.47 13.52 -0.74
C VAL A 199 -11.01 12.86 0.56
N GLU A 200 -11.44 13.42 1.68
CA GLU A 200 -11.25 12.80 2.99
C GLU A 200 -12.34 11.78 3.26
N SER A 201 -11.96 10.69 3.93
CA SER A 201 -12.90 9.62 4.27
C SER A 201 -13.89 10.02 5.36
N SER A 202 -13.69 11.18 6.01
CA SER A 202 -14.57 11.59 7.09
C SER A 202 -15.53 12.67 6.60
N PRO A 203 -16.81 12.36 6.38
CA PRO A 203 -17.77 13.38 5.98
C PRO A 203 -18.00 14.44 7.04
N GLU A 204 -18.38 14.01 8.24
CA GLU A 204 -18.70 14.95 9.31
C GLU A 204 -17.43 15.62 9.82
N LEU A 205 -17.44 16.95 9.82
CA LEU A 205 -16.28 17.70 10.29
C LEU A 205 -16.16 17.54 11.80
N PRO A 206 -14.94 17.34 12.32
CA PRO A 206 -14.79 17.12 13.76
C PRO A 206 -15.04 18.40 14.56
N LYS A 207 -15.22 18.22 15.86
CA LYS A 207 -15.62 19.33 16.72
C LYS A 207 -14.56 20.41 16.78
N HIS A 208 -13.28 20.03 16.89
CA HIS A 208 -12.22 21.03 16.95
C HIS A 208 -12.07 21.77 15.62
N ILE A 209 -12.22 21.05 14.50
CA ILE A 209 -12.19 21.70 13.20
C ILE A 209 -13.40 22.60 13.04
N TYR A 210 -14.55 22.17 13.59
CA TYR A 210 -15.73 23.05 13.59
C TYR A 210 -15.48 24.29 14.43
N ASN A 211 -14.66 24.20 15.47
CA ASN A 211 -14.26 25.37 16.24
C ASN A 211 -13.21 26.21 15.52
N LYS A 212 -12.50 25.63 14.56
CA LYS A 212 -11.56 26.40 13.75
C LYS A 212 -12.26 27.40 12.83
N LEU A 213 -13.58 27.31 12.71
CA LEU A 213 -14.34 28.13 11.78
C LEU A 213 -15.10 29.22 12.52
N ASP A 214 -15.38 30.32 11.80
CA ASP A 214 -16.19 31.41 12.32
C ASP A 214 -17.65 31.00 12.20
N LYS A 215 -18.19 30.42 13.26
CA LYS A 215 -19.56 29.89 13.28
C LYS A 215 -19.75 28.83 12.19
N GLY A 216 -18.74 28.00 11.99
CA GLY A 216 -18.80 26.96 10.99
C GLY A 216 -18.86 27.46 9.55
N GLN A 217 -18.08 28.50 9.22
CA GLN A 217 -18.13 29.12 7.91
C GLN A 217 -16.72 29.35 7.41
N ILE A 218 -16.49 29.01 6.13
CA ILE A 218 -15.20 29.17 5.47
C ILE A 218 -15.31 30.30 4.45
N ILE A 219 -14.23 31.05 4.30
CA ILE A 219 -14.16 32.16 3.36
C ILE A 219 -13.21 31.78 2.23
N VAL A 220 -13.74 31.73 1.01
CA VAL A 220 -13.04 31.23 -0.16
C VAL A 220 -13.07 32.27 -1.27
N VAL A 221 -11.95 32.43 -1.97
CA VAL A 221 -11.83 33.38 -3.07
C VAL A 221 -12.09 32.65 -4.38
N ILE A 222 -12.95 33.22 -5.22
CA ILE A 222 -13.34 32.63 -6.50
C ILE A 222 -12.72 33.48 -7.59
N TRP A 223 -11.76 32.92 -8.33
CA TRP A 223 -11.03 33.68 -9.34
C TRP A 223 -11.69 33.46 -10.71
N VAL A 224 -12.79 34.18 -10.92
CA VAL A 224 -13.50 34.11 -12.19
C VAL A 224 -12.62 34.71 -13.29
N ILE A 225 -12.61 34.06 -14.45
CA ILE A 225 -11.98 34.61 -15.64
C ILE A 225 -13.05 34.74 -16.72
N VAL A 226 -13.21 35.94 -17.26
CA VAL A 226 -14.27 36.26 -18.21
C VAL A 226 -13.71 36.79 -19.52
N SER A 227 -12.79 37.76 -19.45
CA SER A 227 -12.21 38.33 -20.64
C SER A 227 -11.31 37.31 -21.35
N PRO A 228 -11.21 37.39 -22.68
CA PRO A 228 -10.26 36.52 -23.39
C PRO A 228 -8.82 36.77 -23.01
N ASN A 229 -8.50 37.94 -22.45
CA ASN A 229 -7.15 38.26 -22.04
C ASN A 229 -6.86 37.62 -20.68
N ASN A 230 -5.76 38.03 -20.05
CA ASN A 230 -5.30 37.44 -18.80
C ASN A 230 -5.90 38.11 -17.56
N ASP A 231 -6.82 39.05 -17.73
CA ASP A 231 -7.43 39.71 -16.58
C ASP A 231 -8.30 38.73 -15.80
N LYS A 232 -8.14 38.72 -14.48
CA LYS A 232 -8.85 37.82 -13.59
C LYS A 232 -9.73 38.64 -12.65
N GLN A 233 -11.01 38.27 -12.57
CA GLN A 233 -11.97 38.93 -11.68
C GLN A 233 -12.19 38.02 -10.48
N LYS A 234 -11.47 38.29 -9.39
CA LYS A 234 -11.61 37.51 -8.18
C LYS A 234 -12.88 37.88 -7.44
N TYR A 235 -13.27 37.02 -6.51
CA TYR A 235 -14.45 37.24 -5.69
C TYR A 235 -14.30 36.43 -4.41
N THR A 236 -14.73 37.01 -3.29
CA THR A 236 -14.58 36.39 -1.98
C THR A 236 -15.95 36.10 -1.39
N LEU A 237 -16.14 34.87 -0.90
CA LEU A 237 -17.42 34.42 -0.38
C LEU A 237 -17.25 33.82 1.00
N LYS A 238 -18.26 34.01 1.84
CA LYS A 238 -18.35 33.37 3.15
C LYS A 238 -19.47 32.36 3.08
N ILE A 239 -19.12 31.07 3.14
CA ILE A 239 -20.03 29.98 2.87
C ILE A 239 -19.94 28.95 3.97
N ASN A 240 -21.09 28.35 4.31
CA ASN A 240 -21.11 27.29 5.29
C ASN A 240 -20.22 26.14 4.84
N HIS A 241 -19.42 25.62 5.78
CA HIS A 241 -18.44 24.59 5.45
C HIS A 241 -19.08 23.28 5.02
N ASP A 242 -20.38 23.10 5.24
CA ASP A 242 -21.09 21.88 4.85
C ASP A 242 -21.78 22.01 3.50
N CYS A 243 -21.45 23.04 2.72
CA CYS A 243 -22.10 23.28 1.44
C CYS A 243 -21.48 22.36 0.38
N VAL A 244 -21.84 22.62 -0.88
CA VAL A 244 -21.47 21.75 -2.00
C VAL A 244 -20.97 22.65 -3.14
N PRO A 245 -20.11 22.15 -4.05
CA PRO A 245 -19.70 22.98 -5.18
C PRO A 245 -20.84 23.60 -5.98
N GLU A 246 -22.01 22.97 -6.01
CA GLU A 246 -23.17 23.63 -6.63
C GLU A 246 -23.52 24.92 -5.90
N GLN A 247 -23.51 24.89 -4.56
CA GLN A 247 -23.79 26.10 -3.80
C GLN A 247 -22.71 27.16 -3.99
N VAL A 248 -21.44 26.73 -4.11
CA VAL A 248 -20.37 27.68 -4.40
C VAL A 248 -20.60 28.33 -5.77
N ILE A 249 -21.02 27.55 -6.75
CA ILE A 249 -21.34 28.10 -8.07
C ILE A 249 -22.46 29.12 -7.96
N ALA A 250 -23.52 28.77 -7.20
CA ALA A 250 -24.65 29.67 -7.07
C ALA A 250 -24.25 30.98 -6.40
N GLU A 251 -23.42 30.90 -5.35
CA GLU A 251 -23.02 32.11 -4.63
C GLU A 251 -22.08 32.97 -5.46
N ALA A 252 -21.13 32.35 -6.15
CA ALA A 252 -20.11 33.11 -6.87
C ALA A 252 -20.72 33.91 -8.02
N ILE A 253 -21.70 33.35 -8.71
CA ILE A 253 -22.35 34.01 -9.82
C ILE A 253 -23.16 35.21 -9.34
N GLY A 276 -26.39 24.34 -14.39
CA GLY A 276 -24.98 24.38 -14.07
C GLY A 276 -24.08 24.24 -15.30
N LYS A 277 -23.31 25.29 -15.56
CA LYS A 277 -22.42 25.31 -16.72
C LYS A 277 -20.95 25.48 -16.33
N TYR A 278 -20.65 25.64 -15.04
CA TYR A 278 -19.30 25.89 -14.58
C TYR A 278 -18.86 24.81 -13.60
N ILE A 279 -17.55 24.60 -13.52
CA ILE A 279 -16.95 23.67 -12.56
C ILE A 279 -15.77 24.38 -11.91
N LEU A 280 -15.56 24.06 -10.64
CA LEU A 280 -14.51 24.68 -9.84
C LEU A 280 -13.20 23.93 -10.04
N LYS A 281 -12.17 24.65 -10.45
CA LYS A 281 -10.84 24.08 -10.60
C LYS A 281 -9.92 24.69 -9.55
N VAL A 282 -9.24 23.84 -8.79
CA VAL A 282 -8.31 24.33 -7.79
C VAL A 282 -7.17 25.05 -8.50
N CYS A 283 -7.00 26.33 -8.20
CA CYS A 283 -6.18 27.20 -9.02
C CYS A 283 -4.69 26.90 -8.91
N GLY A 284 -4.18 26.02 -9.75
CA GLY A 284 -2.78 25.66 -9.72
C GLY A 284 -2.54 24.18 -9.89
N CYS A 285 -3.61 23.43 -10.11
CA CYS A 285 -3.54 22.00 -10.40
C CYS A 285 -4.92 21.57 -10.90
N ASP A 286 -4.94 20.45 -11.61
CA ASP A 286 -6.19 19.98 -12.19
C ASP A 286 -7.03 19.21 -11.18
N GLU A 287 -7.27 19.81 -10.02
CA GLU A 287 -8.21 19.28 -9.06
C GLU A 287 -9.56 19.90 -9.33
N TYR A 288 -10.59 19.08 -9.46
CA TYR A 288 -11.89 19.55 -9.90
C TYR A 288 -12.96 19.15 -8.90
N PHE A 289 -13.85 20.09 -8.60
CA PHE A 289 -15.01 19.84 -7.74
C PHE A 289 -16.17 19.47 -8.66
N LEU A 290 -16.48 18.18 -8.75
CA LEU A 290 -17.44 17.69 -9.73
C LEU A 290 -18.66 17.04 -9.12
N GLU A 291 -18.48 16.11 -8.19
CA GLU A 291 -19.59 15.32 -7.67
C GLU A 291 -20.15 15.95 -6.38
N LYS A 292 -21.28 15.40 -5.93
CA LYS A 292 -22.05 15.98 -4.83
C LYS A 292 -21.46 15.55 -3.48
N TYR A 293 -20.26 16.07 -3.20
CA TYR A 293 -19.72 15.89 -1.87
C TYR A 293 -19.62 17.23 -1.13
N PRO A 294 -19.73 17.21 0.20
CA PRO A 294 -19.58 18.44 0.97
C PRO A 294 -18.20 19.06 0.77
N LEU A 295 -18.17 20.40 0.81
CA LEU A 295 -16.95 21.15 0.59
C LEU A 295 -15.85 20.71 1.55
N SER A 296 -16.18 20.60 2.83
CA SER A 296 -15.20 20.26 3.85
C SER A 296 -14.69 18.84 3.74
N GLN A 297 -15.33 18.00 2.93
CA GLN A 297 -14.82 16.65 2.74
C GLN A 297 -13.61 16.63 1.81
N TYR A 298 -13.57 17.51 0.81
CA TYR A 298 -12.43 17.58 -0.08
C TYR A 298 -11.17 17.89 0.72
N LYS A 299 -10.08 17.18 0.41
CA LYS A 299 -8.85 17.35 1.16
C LYS A 299 -8.33 18.78 1.03
N TYR A 300 -8.61 19.45 -0.09
CA TYR A 300 -8.16 20.83 -0.26
C TYR A 300 -8.90 21.76 0.69
N ILE A 301 -10.23 21.69 0.72
CA ILE A 301 -10.99 22.57 1.60
C ILE A 301 -10.81 22.17 3.06
N ARG A 302 -10.77 20.87 3.35
CA ARG A 302 -10.53 20.46 4.73
C ARG A 302 -9.16 20.92 5.22
N SER A 303 -8.14 20.81 4.37
CA SER A 303 -6.82 21.30 4.75
C SER A 303 -6.81 22.82 4.89
N CYS A 304 -7.60 23.51 4.08
CA CYS A 304 -7.73 24.96 4.23
C CYS A 304 -8.33 25.31 5.58
N ILE A 305 -9.41 24.62 5.96
CA ILE A 305 -10.05 24.87 7.26
C ILE A 305 -9.10 24.53 8.39
N MET A 306 -8.40 23.40 8.29
CA MET A 306 -7.41 23.02 9.29
C MET A 306 -6.35 24.10 9.47
N LEU A 307 -5.70 24.51 8.39
CA LEU A 307 -4.61 25.45 8.52
C LEU A 307 -5.06 26.91 8.40
N GLY A 308 -6.35 27.15 8.25
CA GLY A 308 -6.81 28.51 8.06
C GLY A 308 -6.35 29.13 6.76
N ARG A 309 -5.92 28.30 5.81
CA ARG A 309 -5.46 28.80 4.53
C ARG A 309 -6.62 29.43 3.76
N MET A 310 -6.27 30.26 2.79
CA MET A 310 -7.27 30.89 1.94
C MET A 310 -7.49 29.98 0.74
N PRO A 311 -8.67 29.37 0.59
CA PRO A 311 -8.87 28.43 -0.51
C PRO A 311 -9.03 29.16 -1.84
N ASN A 312 -8.41 28.60 -2.88
CA ASN A 312 -8.43 29.17 -4.22
C ASN A 312 -9.19 28.23 -5.15
N LEU A 313 -10.19 28.77 -5.85
CA LEU A 313 -11.04 27.96 -6.71
C LEU A 313 -11.47 28.82 -7.90
N MET A 314 -10.80 28.63 -9.05
CA MET A 314 -11.21 29.30 -10.27
C MET A 314 -12.46 28.65 -10.85
N LEU A 315 -13.16 29.37 -11.70
CA LEU A 315 -14.29 28.84 -12.44
C LEU A 315 -13.86 28.54 -13.87
N MET A 316 -14.23 27.35 -14.35
CA MET A 316 -14.05 27.01 -15.76
C MET A 316 -15.37 26.49 -16.32
N ALA A 317 -15.75 26.98 -17.49
CA ALA A 317 -16.91 26.43 -18.18
C ALA A 317 -16.67 24.96 -18.47
N LYS A 318 -17.70 24.14 -18.24
CA LYS A 318 -17.54 22.70 -18.35
C LYS A 318 -17.06 22.28 -19.73
N GLU A 319 -17.45 23.02 -20.77
CA GLU A 319 -17.02 22.69 -22.12
C GLU A 319 -15.50 22.78 -22.27
N SER A 320 -14.84 23.58 -21.43
CA SER A 320 -13.38 23.64 -21.48
C SER A 320 -12.72 22.37 -20.96
N LEU A 321 -13.48 21.47 -20.35
CA LEU A 321 -12.99 20.15 -19.96
C LEU A 321 -13.69 19.02 -20.71
N TYR A 322 -15.00 19.12 -20.89
CA TYR A 322 -15.74 18.10 -21.64
C TYR A 322 -15.16 17.92 -23.04
N SER A 323 -14.73 19.02 -23.66
CA SER A 323 -14.12 18.97 -24.98
C SER A 323 -12.60 18.84 -24.93
N GLN A 324 -12.00 18.78 -23.75
CA GLN A 324 -10.56 18.64 -23.61
C GLN A 324 -10.17 17.21 -23.28
N LEU A 325 -11.13 16.28 -23.30
CA LEU A 325 -10.91 14.87 -22.97
C LEU A 325 -11.32 14.01 -24.17
N PRO A 326 -10.44 13.86 -25.16
CA PRO A 326 -10.75 12.97 -26.29
C PRO A 326 -10.96 11.53 -25.83
N MET A 327 -11.89 10.85 -26.48
CA MET A 327 -12.27 9.49 -26.12
C MET A 327 -11.32 8.48 -26.73
N ASP A 328 -11.07 7.40 -25.99
CA ASP A 328 -10.25 6.28 -26.47
C ASP A 328 -10.83 5.00 -25.88
N CYS A 329 -11.55 4.25 -26.71
CA CYS A 329 -12.33 3.11 -26.25
C CYS A 329 -11.49 1.84 -26.21
N PHE A 330 -12.15 0.71 -26.01
CA PHE A 330 -11.49 -0.58 -25.76
C PHE A 330 -11.60 -1.44 -27.01
N THR A 331 -10.45 -1.89 -27.52
CA THR A 331 -10.39 -2.85 -28.63
C THR A 331 -9.70 -4.11 -28.12
N MET A 332 -10.38 -5.25 -28.25
CA MET A 332 -9.80 -6.50 -27.80
C MET A 332 -8.67 -6.93 -28.73
N PRO A 333 -7.65 -7.60 -28.19
CA PRO A 333 -6.57 -8.12 -29.04
C PRO A 333 -6.99 -9.35 -29.81
N SER A 334 -6.02 -9.98 -30.49
CA SER A 334 -6.32 -11.19 -31.25
C SER A 334 -6.76 -12.35 -30.38
N TYR A 335 -6.37 -12.36 -29.10
CA TYR A 335 -6.70 -13.47 -28.21
C TYR A 335 -8.03 -13.29 -27.49
N SER A 336 -8.94 -12.51 -28.07
CA SER A 336 -10.25 -12.34 -27.46
C SER A 336 -11.01 -13.66 -27.36
N ARG A 337 -10.95 -14.47 -28.41
CA ARG A 337 -11.62 -15.76 -28.43
C ARG A 337 -10.91 -16.73 -29.37
N LYS A 353 -12.37 -38.23 -11.47
CA LYS A 353 -13.00 -38.56 -10.20
C LYS A 353 -13.05 -37.35 -9.27
N SER A 354 -13.57 -37.57 -8.07
CA SER A 354 -13.55 -36.57 -7.01
C SER A 354 -12.50 -36.97 -5.98
N LEU A 355 -11.83 -35.95 -5.41
CA LEU A 355 -10.81 -36.22 -4.42
C LEU A 355 -11.39 -36.76 -3.12
N TRP A 356 -12.71 -36.71 -2.95
CA TRP A 356 -13.38 -37.11 -1.72
C TRP A 356 -13.88 -38.55 -1.75
N VAL A 357 -13.64 -39.29 -2.83
CA VAL A 357 -14.09 -40.68 -2.92
C VAL A 357 -12.93 -41.67 -2.98
N ILE A 358 -11.70 -41.20 -3.04
CA ILE A 358 -10.56 -42.11 -3.07
C ILE A 358 -10.17 -42.50 -1.64
N ASN A 359 -9.41 -43.59 -1.54
CA ASN A 359 -8.96 -44.12 -0.26
C ASN A 359 -7.48 -44.48 -0.40
N SER A 360 -6.61 -43.51 -0.13
CA SER A 360 -5.18 -43.72 -0.30
C SER A 360 -4.43 -42.58 0.38
N ALA A 361 -3.31 -42.93 1.02
CA ALA A 361 -2.44 -41.92 1.60
C ALA A 361 -1.73 -41.15 0.49
N LEU A 362 -1.18 -39.99 0.86
CA LEU A 362 -0.43 -39.20 -0.12
C LEU A 362 0.90 -39.87 -0.37
N ARG A 363 1.11 -40.26 -1.63
CA ARG A 363 2.26 -41.06 -2.02
C ARG A 363 2.82 -40.37 -3.26
N ILE A 364 3.93 -39.65 -3.09
CA ILE A 364 4.48 -38.83 -4.16
C ILE A 364 5.96 -39.15 -4.30
N LYS A 365 6.42 -39.32 -5.55
CA LYS A 365 7.75 -39.80 -5.84
C LYS A 365 8.70 -38.65 -6.13
N ILE A 366 9.91 -38.76 -5.59
CA ILE A 366 11.05 -37.94 -5.99
C ILE A 366 11.86 -38.76 -6.98
N LEU A 367 12.03 -38.25 -8.20
CA LEU A 367 12.86 -38.95 -9.18
C LEU A 367 14.33 -38.64 -8.97
N CYS A 368 14.72 -37.38 -9.18
CA CYS A 368 16.11 -36.95 -9.07
C CYS A 368 16.14 -35.43 -9.26
N ALA A 369 17.32 -34.86 -9.00
CA ALA A 369 17.60 -33.46 -9.25
C ALA A 369 18.56 -33.33 -10.41
N THR A 370 18.21 -32.51 -11.39
CA THR A 370 19.00 -32.43 -12.61
C THR A 370 20.30 -31.67 -12.39
N TYR A 371 20.27 -30.59 -11.62
CA TYR A 371 21.40 -29.67 -11.48
C TYR A 371 21.77 -29.50 -10.01
N VAL A 372 21.91 -30.62 -9.30
CA VAL A 372 22.26 -30.58 -7.89
C VAL A 372 23.61 -29.91 -7.71
N ASN A 373 23.75 -29.13 -6.63
CA ASN A 373 24.95 -28.39 -6.33
C ASN A 373 25.63 -28.96 -5.08
N VAL A 374 26.95 -28.99 -5.09
CA VAL A 374 27.71 -29.46 -3.94
C VAL A 374 28.47 -28.31 -3.30
N LYS A 381 24.70 -37.93 0.51
CA LYS A 381 23.97 -37.67 1.74
C LYS A 381 22.90 -36.60 1.53
N ILE A 382 22.85 -36.05 0.32
CA ILE A 382 21.84 -35.07 -0.03
C ILE A 382 20.47 -35.75 -0.08
N TYR A 383 19.48 -35.13 0.55
CA TYR A 383 18.15 -35.70 0.67
C TYR A 383 17.10 -34.63 0.42
N VAL A 384 15.92 -35.07 0.00
CA VAL A 384 14.79 -34.16 -0.19
C VAL A 384 13.96 -34.17 1.08
N ARG A 385 13.87 -33.02 1.73
CA ARG A 385 12.98 -32.84 2.87
C ARG A 385 11.68 -32.24 2.35
N THR A 386 10.57 -32.91 2.63
CA THR A 386 9.27 -32.54 2.08
C THR A 386 8.33 -32.17 3.22
N GLY A 387 7.06 -31.96 2.87
CA GLY A 387 6.04 -31.64 3.85
C GLY A 387 4.86 -30.92 3.24
N ILE A 388 3.66 -31.18 3.75
CA ILE A 388 2.45 -30.53 3.26
C ILE A 388 2.13 -29.37 4.18
N TYR A 389 1.84 -28.21 3.61
CA TYR A 389 1.58 -27.02 4.39
C TYR A 389 0.38 -26.28 3.84
N HIS A 390 -0.43 -25.72 4.75
CA HIS A 390 -1.55 -24.84 4.40
C HIS A 390 -1.39 -23.58 5.24
N GLY A 391 -0.59 -22.64 4.75
CA GLY A 391 -0.14 -21.49 5.52
C GLY A 391 1.31 -21.67 5.90
N GLY A 392 1.65 -21.35 7.14
CA GLY A 392 2.89 -21.79 7.74
C GLY A 392 2.72 -23.04 8.58
N GLU A 393 1.55 -23.67 8.53
CA GLU A 393 1.22 -24.76 9.43
C GLU A 393 1.52 -26.10 8.77
N PRO A 394 2.40 -26.92 9.35
CA PRO A 394 2.60 -28.27 8.79
C PRO A 394 1.30 -29.04 8.78
N LEU A 395 1.09 -29.82 7.71
CA LEU A 395 -0.14 -30.58 7.56
C LEU A 395 0.01 -32.05 7.90
N CYS A 396 1.22 -32.51 8.18
CA CYS A 396 1.47 -33.90 8.55
C CYS A 396 2.91 -33.98 9.04
N ASP A 397 3.38 -35.20 9.27
CA ASP A 397 4.81 -35.40 9.44
C ASP A 397 5.54 -35.00 8.16
N ASN A 398 6.73 -34.46 8.33
CA ASN A 398 7.53 -33.99 7.20
C ASN A 398 8.37 -35.14 6.69
N VAL A 399 7.82 -35.89 5.73
CA VAL A 399 8.48 -37.07 5.21
C VAL A 399 9.80 -36.66 4.56
N ASN A 400 10.77 -37.57 4.59
CA ASN A 400 12.09 -37.31 4.03
C ASN A 400 12.48 -38.46 3.11
N THR A 401 13.63 -38.29 2.46
CA THR A 401 14.25 -39.31 1.64
C THR A 401 15.51 -39.83 2.30
N GLN A 402 15.96 -41.01 1.87
CA GLN A 402 17.24 -41.51 2.34
C GLN A 402 18.39 -40.68 1.75
N ARG A 403 19.57 -40.89 2.31
CA ARG A 403 20.73 -40.04 2.03
C ARG A 403 21.54 -40.66 0.90
N VAL A 404 21.15 -40.30 -0.33
CA VAL A 404 21.83 -40.79 -1.53
C VAL A 404 23.12 -40.01 -1.73
N PRO A 405 24.08 -40.54 -2.49
CA PRO A 405 25.27 -39.74 -2.81
C PRO A 405 24.89 -38.52 -3.64
N CYS A 406 25.69 -37.46 -3.48
CA CYS A 406 25.43 -36.23 -4.21
C CYS A 406 25.59 -36.41 -5.72
N SER A 407 26.53 -37.27 -6.14
CA SER A 407 26.83 -37.40 -7.56
C SER A 407 25.63 -37.90 -8.36
N ASN A 408 24.91 -38.88 -7.82
CA ASN A 408 23.80 -39.53 -8.53
C ASN A 408 22.57 -39.50 -7.63
N PRO A 409 21.83 -38.38 -7.62
CA PRO A 409 20.63 -38.31 -6.79
C PRO A 409 19.48 -39.13 -7.35
N ARG A 410 19.73 -40.40 -7.67
CA ARG A 410 18.67 -41.29 -8.15
C ARG A 410 17.74 -41.65 -7.00
N TRP A 411 17.02 -40.66 -6.49
CA TRP A 411 16.10 -40.87 -5.38
C TRP A 411 15.06 -41.92 -5.71
N ASN A 412 14.21 -41.64 -6.69
CA ASN A 412 13.21 -42.59 -7.15
C ASN A 412 12.34 -43.12 -6.02
N GLU A 413 12.16 -42.30 -4.98
CA GLU A 413 11.50 -42.73 -3.76
C GLU A 413 10.04 -42.29 -3.79
N TRP A 414 9.13 -43.25 -3.62
CA TRP A 414 7.70 -42.97 -3.54
C TRP A 414 7.36 -42.64 -2.09
N LEU A 415 7.70 -41.42 -1.68
CA LEU A 415 7.52 -41.01 -0.28
C LEU A 415 6.05 -41.14 0.11
N ASN A 416 5.82 -41.76 1.27
CA ASN A 416 4.50 -41.98 1.82
C ASN A 416 4.25 -40.93 2.89
N TYR A 417 3.29 -40.05 2.64
CA TYR A 417 2.98 -38.99 3.59
C TYR A 417 1.93 -39.47 4.59
N ASP A 418 2.04 -38.94 5.80
CA ASP A 418 1.02 -39.20 6.80
C ASP A 418 -0.32 -38.58 6.43
N ILE A 419 -0.34 -37.69 5.45
CA ILE A 419 -1.57 -37.01 5.05
C ILE A 419 -2.35 -37.91 4.10
N TYR A 420 -3.57 -38.27 4.50
CA TYR A 420 -4.50 -38.99 3.65
C TYR A 420 -5.01 -38.05 2.54
N ILE A 421 -5.02 -38.55 1.31
CA ILE A 421 -5.18 -37.65 0.15
C ILE A 421 -6.44 -36.80 0.21
N PRO A 422 -7.62 -37.35 0.49
CA PRO A 422 -8.81 -36.48 0.56
C PRO A 422 -8.64 -35.34 1.57
N ASP A 423 -7.86 -35.55 2.63
CA ASP A 423 -7.63 -34.52 3.62
C ASP A 423 -6.81 -33.35 3.08
N LEU A 424 -6.22 -33.47 1.90
CA LEU A 424 -5.42 -32.38 1.35
C LEU A 424 -6.31 -31.17 1.12
N PRO A 425 -5.99 -30.02 1.72
CA PRO A 425 -6.81 -28.83 1.51
C PRO A 425 -6.45 -28.11 0.21
N ARG A 426 -7.32 -27.17 -0.15
CA ARG A 426 -7.27 -26.56 -1.48
C ARG A 426 -5.96 -25.82 -1.73
N ALA A 427 -5.44 -25.12 -0.72
CA ALA A 427 -4.22 -24.34 -0.85
C ALA A 427 -3.01 -25.06 -0.26
N ALA A 428 -3.01 -26.39 -0.30
CA ALA A 428 -1.98 -27.18 0.38
C ALA A 428 -0.79 -27.41 -0.54
N ARG A 429 -0.07 -26.33 -0.83
CA ARG A 429 1.12 -26.47 -1.64
C ARG A 429 2.16 -27.32 -0.92
N LEU A 430 2.51 -28.44 -1.55
CA LEU A 430 3.59 -29.28 -1.06
C LEU A 430 4.91 -28.56 -1.23
N CYS A 431 5.73 -28.60 -0.18
CA CYS A 431 6.95 -27.82 -0.10
C CYS A 431 8.15 -28.75 -0.19
N LEU A 432 8.93 -28.61 -1.25
CA LEU A 432 10.15 -29.37 -1.48
C LEU A 432 11.30 -28.65 -0.81
N SER A 433 12.30 -29.41 -0.40
CA SER A 433 13.54 -28.84 0.10
C SER A 433 14.67 -29.83 -0.10
N ILE A 434 15.49 -29.62 -1.13
CA ILE A 434 16.78 -30.28 -1.20
C ILE A 434 17.62 -29.75 -0.06
N CYS A 435 18.06 -30.65 0.82
CA CYS A 435 18.74 -30.30 2.06
C CYS A 435 20.03 -31.11 2.17
N SER A 436 21.12 -30.43 2.48
CA SER A 436 22.41 -31.10 2.63
C SER A 436 22.54 -31.77 3.99
N HIS A 447 19.61 -29.54 9.05
CA HIS A 447 18.56 -29.66 8.05
C HIS A 447 18.42 -28.38 7.24
N CYS A 448 19.56 -27.78 6.91
CA CYS A 448 19.56 -26.55 6.14
C CYS A 448 19.08 -26.81 4.71
N PRO A 449 18.13 -26.03 4.19
CA PRO A 449 17.65 -26.24 2.82
C PRO A 449 18.66 -25.72 1.80
N LEU A 450 19.19 -26.63 0.99
CA LEU A 450 19.97 -26.21 -0.17
C LEU A 450 19.10 -25.47 -1.17
N ALA A 451 17.87 -25.95 -1.37
CA ALA A 451 16.94 -25.28 -2.29
C ALA A 451 15.52 -25.65 -1.93
N TRP A 452 14.65 -24.65 -1.81
CA TRP A 452 13.26 -24.86 -1.45
C TRP A 452 12.37 -24.71 -2.67
N GLY A 453 11.09 -25.05 -2.51
CA GLY A 453 10.13 -24.76 -3.55
C GLY A 453 8.71 -25.21 -3.28
N ASN A 454 7.75 -24.34 -3.52
CA ASN A 454 6.34 -24.66 -3.28
C ASN A 454 5.71 -25.14 -4.57
N ILE A 455 4.77 -26.06 -4.45
CA ILE A 455 4.04 -26.59 -5.61
C ILE A 455 2.61 -26.86 -5.15
N ASN A 456 1.65 -26.13 -5.70
CA ASN A 456 0.26 -26.39 -5.36
C ASN A 456 -0.10 -27.85 -5.57
N LEU A 457 -0.78 -28.43 -4.60
CA LEU A 457 -1.37 -29.74 -4.75
C LEU A 457 -2.73 -29.67 -5.40
N PHE A 458 -2.96 -28.57 -6.11
CA PHE A 458 -4.10 -28.40 -6.99
C PHE A 458 -3.65 -27.49 -8.13
N ASP A 459 -4.60 -27.00 -8.91
CA ASP A 459 -4.30 -26.00 -9.92
C ASP A 459 -5.59 -25.24 -10.21
N TYR A 460 -5.48 -24.20 -11.03
CA TYR A 460 -6.57 -23.21 -11.12
C TYR A 460 -7.87 -23.83 -11.61
N THR A 461 -7.80 -25.02 -12.22
CA THR A 461 -8.97 -25.79 -12.61
C THR A 461 -9.34 -26.85 -11.57
N ASP A 462 -8.76 -26.78 -10.37
CA ASP A 462 -9.05 -27.68 -9.25
C ASP A 462 -8.55 -29.11 -9.50
N THR A 463 -7.47 -29.27 -10.25
CA THR A 463 -6.96 -30.58 -10.61
C THR A 463 -5.77 -30.95 -9.73
N LEU A 464 -5.84 -32.10 -9.08
CA LEU A 464 -4.70 -32.60 -8.31
C LEU A 464 -3.60 -33.00 -9.28
N VAL A 465 -2.45 -32.30 -9.19
CA VAL A 465 -1.41 -32.47 -10.19
C VAL A 465 -0.93 -33.91 -10.23
N SER A 466 -0.76 -34.43 -11.45
CA SER A 466 -0.33 -35.79 -11.69
C SER A 466 0.87 -35.78 -12.61
N GLY A 467 1.39 -36.97 -12.89
CA GLY A 467 2.42 -37.13 -13.90
C GLY A 467 3.75 -36.53 -13.50
N LYS A 468 4.74 -36.76 -14.37
CA LYS A 468 6.08 -36.23 -14.13
C LYS A 468 6.08 -34.71 -14.22
N MET A 469 6.90 -34.08 -13.40
CA MET A 469 6.97 -32.63 -13.30
C MET A 469 8.40 -32.25 -12.93
N ALA A 470 9.10 -31.58 -13.84
CA ALA A 470 10.47 -31.14 -13.59
C ALA A 470 10.43 -29.64 -13.28
N LEU A 471 10.66 -29.28 -12.03
CA LEU A 471 10.54 -27.90 -11.59
C LEU A 471 11.88 -27.38 -11.11
N ASN A 472 12.25 -26.18 -11.57
CA ASN A 472 13.44 -25.51 -11.08
C ASN A 472 13.15 -24.94 -9.70
N LEU A 473 14.06 -25.16 -8.77
CA LEU A 473 13.82 -24.80 -7.37
C LEU A 473 14.38 -23.42 -7.06
N TRP A 474 13.73 -22.74 -6.13
CA TRP A 474 14.07 -21.38 -5.77
C TRP A 474 15.40 -21.35 -5.00
N PRO A 475 16.06 -20.18 -4.94
CA PRO A 475 17.37 -20.11 -4.28
C PRO A 475 17.29 -20.36 -2.79
N VAL A 476 18.42 -20.26 -2.11
CA VAL A 476 18.51 -20.55 -0.68
C VAL A 476 17.58 -19.62 0.08
N PRO A 477 16.95 -20.08 1.17
CA PRO A 477 15.99 -19.22 1.88
C PRO A 477 16.64 -17.92 2.35
N HIS A 478 15.88 -16.83 2.25
CA HIS A 478 16.38 -15.50 2.60
C HIS A 478 16.24 -15.31 4.11
N GLY A 479 17.35 -15.46 4.82
CA GLY A 479 17.35 -15.27 6.27
C GLY A 479 16.45 -16.23 7.00
N LEU A 480 16.43 -17.50 6.60
CA LEU A 480 15.58 -18.50 7.21
C LEU A 480 16.41 -19.74 7.52
N GLU A 481 16.35 -20.19 8.77
CA GLU A 481 16.98 -21.44 9.20
C GLU A 481 15.95 -22.52 9.49
N ASP A 482 14.77 -22.42 8.90
CA ASP A 482 13.68 -23.33 9.21
C ASP A 482 13.92 -24.69 8.56
N LEU A 483 13.13 -25.67 9.00
CA LEU A 483 13.15 -27.00 8.42
C LEU A 483 12.75 -26.97 6.94
N LEU A 484 11.75 -26.18 6.57
CA LEU A 484 11.41 -25.96 5.17
C LEU A 484 11.35 -24.47 4.90
N ASN A 485 10.84 -24.08 3.73
CA ASN A 485 10.56 -22.67 3.43
C ASN A 485 9.18 -22.60 2.78
N PRO A 486 8.11 -22.75 3.58
CA PRO A 486 6.77 -22.47 3.05
C PRO A 486 6.51 -21.00 2.80
N ILE A 487 7.41 -20.12 3.24
CA ILE A 487 7.25 -18.69 3.02
C ILE A 487 7.80 -18.36 1.63
N GLY A 488 6.94 -18.48 0.62
CA GLY A 488 7.39 -18.27 -0.73
C GLY A 488 6.22 -18.38 -1.69
N VAL A 489 6.55 -18.52 -2.97
CA VAL A 489 5.56 -18.52 -4.04
C VAL A 489 5.43 -19.93 -4.61
N THR A 490 4.23 -20.25 -5.06
CA THR A 490 3.92 -21.52 -5.68
C THR A 490 4.45 -21.52 -7.11
N GLY A 491 4.08 -22.52 -7.90
CA GLY A 491 4.53 -22.56 -9.28
C GLY A 491 6.02 -22.87 -9.38
N SER A 492 6.55 -22.68 -10.58
CA SER A 492 7.93 -22.98 -10.89
C SER A 492 8.77 -21.70 -10.96
N ASN A 493 10.08 -21.87 -10.91
CA ASN A 493 11.00 -20.75 -11.03
C ASN A 493 11.12 -20.34 -12.48
N PRO A 494 10.84 -19.08 -12.83
CA PRO A 494 11.07 -18.63 -14.22
C PRO A 494 12.53 -18.76 -14.65
N ASN A 495 13.48 -18.55 -13.75
CA ASN A 495 14.88 -18.75 -14.08
C ASN A 495 15.18 -20.23 -14.18
N LYS A 496 15.65 -20.68 -15.34
CA LYS A 496 15.81 -22.09 -15.62
C LYS A 496 17.24 -22.58 -15.38
N GLU A 497 18.13 -21.73 -14.89
CA GLU A 497 19.49 -22.13 -14.58
C GLU A 497 19.65 -22.65 -13.16
N THR A 498 18.58 -22.64 -12.37
CA THR A 498 18.61 -23.11 -11.00
C THR A 498 18.44 -24.63 -10.95
N PRO A 499 18.89 -25.28 -9.86
CA PRO A 499 18.71 -26.74 -9.73
C PRO A 499 17.27 -27.18 -9.92
N CYS A 500 17.06 -28.08 -10.88
CA CYS A 500 15.73 -28.57 -11.22
C CYS A 500 15.56 -29.98 -10.68
N LEU A 501 14.45 -30.21 -9.97
CA LEU A 501 14.13 -31.48 -9.38
C LEU A 501 12.93 -32.10 -10.10
N GLU A 502 13.00 -33.41 -10.31
CA GLU A 502 11.95 -34.14 -11.02
C GLU A 502 11.06 -34.85 -10.02
N LEU A 503 9.75 -34.75 -10.23
CA LEU A 503 8.76 -35.25 -9.30
C LEU A 503 7.79 -36.11 -10.07
N GLU A 504 7.12 -37.02 -9.36
CA GLU A 504 6.11 -37.89 -9.96
C GLU A 504 4.94 -37.94 -8.99
N PHE A 505 3.87 -37.24 -9.33
CA PHE A 505 2.76 -37.10 -8.40
C PHE A 505 1.80 -38.27 -8.56
N ASP A 506 0.62 -38.16 -7.96
CA ASP A 506 -0.28 -39.29 -7.86
C ASP A 506 -0.72 -39.77 -9.24
N TRP A 507 -0.77 -41.09 -9.40
CA TRP A 507 -1.23 -41.73 -10.63
C TRP A 507 -2.50 -42.49 -10.28
N PHE A 508 -3.64 -41.81 -10.44
CA PHE A 508 -4.95 -42.40 -10.18
C PHE A 508 -5.60 -42.93 -11.44
N SER A 509 -4.87 -42.96 -12.56
CA SER A 509 -5.36 -43.42 -13.85
C SER A 509 -6.56 -42.61 -14.33
N SER A 510 -6.71 -41.39 -13.83
CA SER A 510 -7.83 -40.52 -14.18
C SER A 510 -7.45 -39.12 -13.68
N VAL A 511 -8.42 -38.21 -13.74
CA VAL A 511 -8.26 -36.84 -13.22
C VAL A 511 -9.21 -36.66 -12.05
N VAL A 512 -8.69 -36.15 -10.94
CA VAL A 512 -9.45 -35.98 -9.70
C VAL A 512 -9.53 -34.49 -9.39
N LYS A 513 -10.76 -34.03 -9.12
CA LYS A 513 -11.04 -32.61 -8.96
C LYS A 513 -11.55 -32.33 -7.55
N PHE A 514 -11.10 -31.21 -6.99
CA PHE A 514 -11.59 -30.78 -5.69
C PHE A 514 -13.10 -30.51 -5.77
N PRO A 515 -13.88 -30.98 -4.81
CA PRO A 515 -15.33 -30.80 -4.89
C PRO A 515 -15.71 -29.33 -4.86
N ASP A 516 -16.84 -29.01 -5.48
CA ASP A 516 -17.37 -27.67 -5.38
C ASP A 516 -17.81 -27.39 -3.94
N MET A 517 -17.95 -26.10 -3.63
CA MET A 517 -18.28 -25.71 -2.26
C MET A 517 -19.65 -26.24 -1.82
N SER A 518 -20.54 -26.55 -2.76
CA SER A 518 -21.85 -27.09 -2.38
C SER A 518 -21.72 -28.48 -1.77
N VAL A 519 -20.89 -29.34 -2.36
CA VAL A 519 -20.69 -30.68 -1.81
C VAL A 519 -20.03 -30.61 -0.44
N ILE A 520 -19.03 -29.74 -0.29
CA ILE A 520 -18.37 -29.57 1.00
C ILE A 520 -19.37 -29.08 2.05
N GLU A 521 -20.19 -28.09 1.68
CA GLU A 521 -21.16 -27.54 2.61
C GLU A 521 -22.19 -28.59 3.02
N GLU A 522 -22.61 -29.43 2.08
CA GLU A 522 -23.51 -30.53 2.41
C GLU A 522 -22.83 -31.54 3.33
N HIS A 523 -21.54 -31.81 3.10
CA HIS A 523 -20.80 -32.71 3.97
C HIS A 523 -20.77 -32.20 5.41
N ALA A 524 -20.48 -30.91 5.58
CA ALA A 524 -20.41 -30.33 6.91
C ALA A 524 -21.78 -30.11 7.52
N ASN A 525 -22.86 -30.25 6.75
CA ASN A 525 -24.21 -30.05 7.27
C ASN A 525 -24.70 -31.27 8.04
N LEU A 551 -23.03 -20.04 30.35
CA LEU A 551 -22.53 -19.66 29.04
C LEU A 551 -22.21 -18.16 28.98
N ARG A 552 -22.14 -17.53 30.15
CA ARG A 552 -21.85 -16.11 30.24
C ARG A 552 -20.67 -15.78 31.12
N GLU A 553 -20.22 -16.69 31.98
CA GLU A 553 -19.07 -16.41 32.83
C GLU A 553 -17.79 -16.29 32.02
N ASN A 554 -17.54 -17.27 31.15
CA ASN A 554 -16.39 -17.26 30.25
C ASN A 554 -16.73 -17.61 28.81
N ASP A 555 -17.87 -18.25 28.55
CA ASP A 555 -18.29 -18.50 27.18
C ASP A 555 -18.67 -17.22 26.45
N LYS A 556 -18.81 -16.11 27.17
CA LYS A 556 -19.07 -14.81 26.57
C LYS A 556 -17.99 -13.79 26.89
N GLU A 557 -17.27 -13.94 28.01
CA GLU A 557 -16.25 -12.98 28.41
C GLU A 557 -14.86 -13.36 27.89
N GLN A 558 -14.49 -14.64 27.97
CA GLN A 558 -13.22 -15.07 27.41
C GLN A 558 -13.19 -14.87 25.90
N LEU A 559 -14.32 -15.05 25.22
CA LEU A 559 -14.39 -14.77 23.79
C LEU A 559 -14.03 -13.32 23.50
N LYS A 560 -14.62 -12.39 24.27
CA LYS A 560 -14.32 -10.98 24.09
C LYS A 560 -12.87 -10.67 24.45
N ALA A 561 -12.31 -11.40 25.41
CA ALA A 561 -10.88 -11.25 25.71
C ALA A 561 -10.04 -11.63 24.50
N ILE A 562 -10.43 -12.69 23.79
CA ILE A 562 -9.70 -13.09 22.59
C ILE A 562 -9.86 -12.03 21.49
N SER A 563 -11.10 -11.60 21.24
CA SER A 563 -11.38 -10.73 20.10
C SER A 563 -10.57 -9.44 20.20
N THR A 564 -10.53 -8.83 21.38
CA THR A 564 -9.82 -7.58 21.58
C THR A 564 -8.31 -7.74 21.49
N ARG A 565 -7.80 -8.96 21.46
CA ARG A 565 -6.36 -9.18 21.35
C ARG A 565 -5.89 -9.07 19.91
N ASP A 566 -4.63 -8.69 19.75
CA ASP A 566 -4.06 -8.56 18.43
C ASP A 566 -3.91 -9.92 17.77
N PRO A 567 -3.92 -9.97 16.43
CA PRO A 567 -3.70 -11.26 15.75
C PRO A 567 -2.37 -11.90 16.08
N LEU A 568 -1.36 -11.11 16.48
CA LEU A 568 -0.08 -11.66 16.88
C LEU A 568 -0.14 -12.38 18.23
N SER A 569 -1.25 -12.29 18.95
CA SER A 569 -1.41 -13.00 20.20
C SER A 569 -1.42 -14.51 19.94
N GLU A 570 -0.38 -15.19 20.41
CA GLU A 570 -0.24 -16.63 20.20
C GLU A 570 -1.33 -17.34 20.98
N ILE A 571 -2.35 -17.82 20.26
CA ILE A 571 -3.48 -18.50 20.89
C ILE A 571 -3.04 -19.89 21.30
N THR A 572 -3.23 -20.22 22.58
CA THR A 572 -2.82 -21.52 23.09
C THR A 572 -3.78 -22.61 22.59
N LYS A 573 -3.26 -23.84 22.50
CA LYS A 573 -4.08 -24.95 22.04
C LYS A 573 -5.24 -25.21 22.97
N GLN A 574 -5.01 -25.08 24.29
CA GLN A 574 -6.11 -25.16 25.24
C GLN A 574 -7.17 -24.11 24.95
N GLU A 575 -6.76 -22.95 24.45
CA GLU A 575 -7.71 -21.91 24.08
C GLU A 575 -8.13 -22.02 22.62
N LYS A 576 -7.32 -22.64 21.77
CA LYS A 576 -7.73 -22.95 20.41
C LYS A 576 -8.92 -23.92 20.39
N ASP A 577 -8.91 -24.90 21.30
CA ASP A 577 -10.05 -25.81 21.40
C ASP A 577 -11.30 -25.09 21.91
N PHE A 578 -11.12 -24.12 22.81
CA PHE A 578 -12.24 -23.30 23.25
C PHE A 578 -12.81 -22.48 22.11
N LEU A 579 -11.93 -21.87 21.30
CA LEU A 579 -12.37 -21.13 20.13
C LEU A 579 -13.10 -22.04 19.15
N TRP A 580 -12.55 -23.24 18.94
CA TRP A 580 -13.13 -24.19 18.01
C TRP A 580 -14.50 -24.65 18.46
N SER A 581 -14.68 -24.90 19.76
CA SER A 581 -15.95 -25.42 20.26
C SER A 581 -17.07 -24.39 20.08
N HIS A 582 -16.78 -23.11 20.29
CA HIS A 582 -17.79 -22.07 20.21
C HIS A 582 -17.80 -21.43 18.82
N ARG A 583 -18.01 -22.27 17.82
CA ARG A 583 -18.28 -21.77 16.48
C ARG A 583 -19.61 -21.03 16.43
N HIS A 584 -20.62 -21.56 17.12
CA HIS A 584 -21.97 -21.00 17.08
C HIS A 584 -22.06 -19.64 17.77
N TYR A 585 -21.03 -19.24 18.51
CA TYR A 585 -21.01 -17.94 19.16
C TYR A 585 -19.97 -16.99 18.60
N CYS A 586 -18.83 -17.50 18.12
CA CYS A 586 -17.85 -16.65 17.47
C CYS A 586 -18.38 -16.03 16.18
N VAL A 587 -19.43 -16.61 15.59
CA VAL A 587 -20.06 -15.99 14.43
C VAL A 587 -20.82 -14.73 14.83
N THR A 588 -21.23 -14.61 16.09
CA THR A 588 -21.92 -13.41 16.56
C THR A 588 -20.94 -12.25 16.77
N ILE A 589 -19.71 -12.54 17.19
CA ILE A 589 -18.68 -11.52 17.36
C ILE A 589 -17.79 -11.55 16.12
N PRO A 590 -17.88 -10.57 15.22
CA PRO A 590 -17.20 -10.72 13.92
C PRO A 590 -15.68 -10.61 14.00
N GLU A 591 -15.15 -9.69 14.81
CA GLU A 591 -13.72 -9.43 14.79
C GLU A 591 -12.89 -10.63 15.27
N ILE A 592 -13.52 -11.75 15.63
CA ILE A 592 -12.80 -12.95 16.02
C ILE A 592 -12.53 -13.87 14.84
N LEU A 593 -13.05 -13.57 13.65
CA LEU A 593 -12.83 -14.44 12.50
C LEU A 593 -11.35 -14.67 12.18
N PRO A 594 -10.47 -13.66 12.25
CA PRO A 594 -9.04 -13.97 12.06
C PRO A 594 -8.48 -14.97 13.06
N LYS A 595 -9.16 -15.19 14.19
CA LYS A 595 -8.65 -16.06 15.24
C LYS A 595 -9.39 -17.38 15.34
N LEU A 596 -10.64 -17.42 14.90
CA LEU A 596 -11.34 -18.69 14.75
C LEU A 596 -10.72 -19.54 13.66
N LEU A 597 -10.31 -18.93 12.55
CA LEU A 597 -9.71 -19.67 11.45
C LEU A 597 -8.44 -20.37 11.88
N LEU A 598 -7.61 -19.71 12.68
CA LEU A 598 -6.39 -20.33 13.21
C LEU A 598 -6.70 -21.40 14.25
N SER A 599 -7.92 -21.47 14.76
CA SER A 599 -8.33 -22.46 15.74
C SER A 599 -8.79 -23.75 15.08
N VAL A 600 -8.49 -23.93 13.81
CA VAL A 600 -8.93 -25.08 13.03
C VAL A 600 -7.71 -25.70 12.36
N LYS A 601 -7.57 -27.01 12.49
CA LYS A 601 -6.53 -27.73 11.77
C LYS A 601 -6.95 -27.95 10.33
N TRP A 602 -6.03 -27.72 9.41
CA TRP A 602 -6.25 -27.99 8.00
C TRP A 602 -5.88 -29.41 7.63
N ASN A 603 -5.49 -30.23 8.61
CA ASN A 603 -5.25 -31.64 8.42
C ASN A 603 -6.50 -32.40 8.00
N SER A 604 -7.68 -31.81 8.18
CA SER A 604 -8.92 -32.55 8.14
C SER A 604 -9.86 -32.00 7.08
N ARG A 605 -10.62 -32.91 6.46
CA ARG A 605 -11.72 -32.51 5.60
C ARG A 605 -12.87 -31.94 6.41
N ASP A 606 -13.18 -32.56 7.55
CA ASP A 606 -14.33 -32.14 8.34
C ASP A 606 -14.08 -30.79 9.01
N GLU A 607 -12.85 -30.53 9.45
CA GLU A 607 -12.55 -29.24 10.05
C GLU A 607 -12.77 -28.10 9.07
N VAL A 608 -12.16 -28.20 7.90
CA VAL A 608 -12.26 -27.14 6.91
C VAL A 608 -13.68 -27.04 6.36
N ALA A 609 -14.34 -28.18 6.21
CA ALA A 609 -15.76 -28.16 5.83
C ALA A 609 -16.59 -27.41 6.86
N GLN A 610 -16.31 -27.61 8.14
CA GLN A 610 -17.03 -26.89 9.19
C GLN A 610 -16.77 -25.39 9.11
N MET A 611 -15.53 -25.00 8.81
CA MET A 611 -15.27 -23.58 8.61
C MET A 611 -16.02 -23.00 7.42
N TYR A 612 -16.10 -23.76 6.32
CA TYR A 612 -16.68 -23.21 5.11
C TYR A 612 -18.17 -22.90 5.26
N CYS A 613 -18.82 -23.39 6.31
CA CYS A 613 -20.15 -22.89 6.64
C CYS A 613 -20.10 -21.59 7.41
N LEU A 614 -18.94 -21.22 7.95
CA LEU A 614 -18.79 -20.00 8.73
C LEU A 614 -18.28 -18.83 7.90
N VAL A 615 -17.07 -18.96 7.34
CA VAL A 615 -16.45 -17.82 6.66
C VAL A 615 -17.21 -17.46 5.38
N LYS A 616 -17.93 -18.42 4.81
CA LYS A 616 -18.78 -18.10 3.68
C LYS A 616 -20.07 -17.40 4.11
N ASP A 617 -20.58 -17.73 5.30
CA ASP A 617 -21.78 -17.12 5.84
C ASP A 617 -21.47 -16.06 6.90
N TRP A 618 -20.22 -15.64 7.00
CA TRP A 618 -19.82 -14.67 8.00
C TRP A 618 -20.38 -13.29 7.65
N PRO A 619 -21.03 -12.59 8.58
CA PRO A 619 -21.40 -11.19 8.33
C PRO A 619 -20.16 -10.34 8.09
N PRO A 620 -20.23 -9.39 7.16
CA PRO A 620 -19.02 -8.64 6.77
C PRO A 620 -18.43 -7.85 7.92
N ILE A 621 -17.10 -7.77 7.94
CA ILE A 621 -16.38 -7.04 8.96
C ILE A 621 -15.80 -5.77 8.34
N LYS A 622 -15.30 -4.89 9.20
CA LYS A 622 -14.79 -3.61 8.71
C LYS A 622 -13.56 -3.83 7.83
N PRO A 623 -13.38 -3.00 6.80
CA PRO A 623 -12.32 -3.27 5.82
C PRO A 623 -10.93 -3.39 6.42
N GLU A 624 -10.57 -2.57 7.40
CA GLU A 624 -9.25 -2.71 8.01
C GLU A 624 -9.13 -4.02 8.77
N GLN A 625 -10.26 -4.60 9.19
CA GLN A 625 -10.23 -5.93 9.81
C GLN A 625 -10.12 -7.03 8.76
N ALA A 626 -10.79 -6.87 7.62
CA ALA A 626 -10.77 -7.85 6.55
C ALA A 626 -9.49 -7.79 5.72
N MET A 627 -8.59 -6.85 6.01
CA MET A 627 -7.30 -6.83 5.34
C MET A 627 -6.28 -7.79 5.95
N GLU A 628 -6.53 -8.29 7.17
CA GLU A 628 -5.63 -9.30 7.73
C GLU A 628 -5.82 -10.65 7.05
N LEU A 629 -7.00 -10.92 6.51
CA LEU A 629 -7.27 -12.20 5.89
C LEU A 629 -6.50 -12.41 4.59
N LEU A 630 -5.83 -11.38 4.08
CA LEU A 630 -5.01 -11.46 2.87
C LEU A 630 -3.52 -11.48 3.18
N ASP A 631 -3.11 -12.15 4.24
CA ASP A 631 -1.69 -12.22 4.57
C ASP A 631 -1.13 -13.59 4.16
N CYS A 632 0.10 -13.87 4.58
CA CYS A 632 0.73 -15.15 4.24
C CYS A 632 -0.07 -16.32 4.84
N ASN A 633 -0.51 -16.17 6.09
CA ASN A 633 -1.50 -17.08 6.64
C ASN A 633 -2.84 -16.80 5.98
N TYR A 634 -3.86 -17.54 6.41
CA TYR A 634 -5.17 -17.44 5.79
C TYR A 634 -5.11 -17.64 4.28
N PRO A 635 -4.33 -18.61 3.76
CA PRO A 635 -4.10 -18.66 2.31
C PRO A 635 -5.18 -19.47 1.59
N ASP A 636 -6.28 -19.69 2.29
CA ASP A 636 -7.39 -20.41 1.69
C ASP A 636 -8.02 -19.57 0.57
N PRO A 637 -8.37 -20.19 -0.56
CA PRO A 637 -9.03 -19.44 -1.63
C PRO A 637 -10.33 -18.79 -1.21
N MET A 638 -11.03 -19.32 -0.22
CA MET A 638 -12.27 -18.69 0.23
C MET A 638 -12.06 -17.69 1.35
N VAL A 639 -11.02 -17.84 2.17
CA VAL A 639 -10.72 -16.82 3.16
C VAL A 639 -10.41 -15.50 2.46
N ARG A 640 -9.59 -15.56 1.41
CA ARG A 640 -9.27 -14.36 0.65
C ARG A 640 -10.45 -13.88 -0.17
N GLY A 641 -11.34 -14.79 -0.57
CA GLY A 641 -12.58 -14.37 -1.17
C GLY A 641 -13.44 -13.52 -0.24
N PHE A 642 -13.57 -13.93 1.01
CA PHE A 642 -14.27 -13.13 2.00
C PHE A 642 -13.56 -11.80 2.25
N ALA A 643 -12.23 -11.82 2.33
CA ALA A 643 -11.49 -10.58 2.57
C ALA A 643 -11.70 -9.58 1.44
N VAL A 644 -11.63 -10.03 0.19
CA VAL A 644 -11.81 -9.11 -0.92
C VAL A 644 -13.28 -8.72 -1.06
N ARG A 645 -14.21 -9.63 -0.75
CA ARG A 645 -15.62 -9.26 -0.82
C ARG A 645 -15.97 -8.19 0.21
N CYS A 646 -15.29 -8.18 1.35
CA CYS A 646 -15.47 -7.07 2.29
C CYS A 646 -14.73 -5.81 1.83
N LEU A 647 -13.55 -5.98 1.25
CA LEU A 647 -12.75 -4.84 0.79
C LEU A 647 -13.42 -4.11 -0.36
N GLU A 648 -14.21 -4.80 -1.17
CA GLU A 648 -14.93 -4.14 -2.25
C GLU A 648 -16.11 -3.34 -1.74
N LYS A 649 -16.85 -3.89 -0.78
CA LYS A 649 -18.10 -3.26 -0.37
C LYS A 649 -17.89 -2.06 0.54
N TYR A 650 -16.87 -2.09 1.39
CA TYR A 650 -16.73 -1.07 2.44
C TYR A 650 -15.58 -0.12 2.21
N LEU A 651 -14.44 -0.57 1.69
CA LEU A 651 -13.31 0.31 1.49
C LEU A 651 -13.64 1.41 0.50
N THR A 652 -13.31 2.65 0.86
CA THR A 652 -13.56 3.80 0.01
C THR A 652 -12.30 4.16 -0.78
N ASP A 653 -12.48 5.06 -1.75
CA ASP A 653 -11.44 5.32 -2.73
C ASP A 653 -10.20 5.96 -2.10
N ASP A 654 -10.39 6.76 -1.05
CA ASP A 654 -9.23 7.34 -0.39
C ASP A 654 -8.61 6.38 0.63
N LYS A 655 -9.45 5.62 1.35
CA LYS A 655 -8.90 4.53 2.13
C LYS A 655 -8.20 3.51 1.23
N LEU A 656 -8.81 3.21 0.08
CA LEU A 656 -8.15 2.34 -0.89
C LEU A 656 -6.86 2.97 -1.38
N SER A 657 -6.84 4.29 -1.54
CA SER A 657 -5.63 4.98 -1.96
C SER A 657 -4.53 4.82 -0.93
N GLN A 658 -4.89 4.91 0.35
CA GLN A 658 -3.93 4.69 1.43
C GLN A 658 -3.44 3.26 1.44
N TYR A 659 -4.35 2.30 1.28
CA TYR A 659 -4.05 0.88 1.47
C TYR A 659 -3.65 0.15 0.19
N LEU A 660 -3.54 0.86 -0.93
CA LEU A 660 -3.21 0.20 -2.19
C LEU A 660 -1.82 -0.40 -2.17
N ILE A 661 -0.89 0.24 -1.47
CA ILE A 661 0.44 -0.34 -1.33
C ILE A 661 0.35 -1.69 -0.64
N GLN A 662 -0.59 -1.84 0.29
CA GLN A 662 -0.80 -3.13 0.94
C GLN A 662 -1.48 -4.12 0.01
N LEU A 663 -2.50 -3.68 -0.72
CA LEU A 663 -3.27 -4.60 -1.56
C LEU A 663 -2.45 -5.11 -2.74
N VAL A 664 -1.51 -4.30 -3.25
CA VAL A 664 -0.66 -4.77 -4.34
C VAL A 664 0.23 -5.91 -3.88
N GLN A 665 0.80 -5.79 -2.68
CA GLN A 665 1.71 -6.83 -2.18
C GLN A 665 0.99 -8.10 -1.75
N VAL A 666 -0.34 -8.10 -1.67
CA VAL A 666 -1.08 -9.30 -1.33
C VAL A 666 -1.69 -9.95 -2.57
N LEU A 667 -1.40 -9.43 -3.76
CA LEU A 667 -1.65 -10.20 -4.98
C LEU A 667 -0.75 -11.43 -5.01
N LYS A 668 0.49 -11.27 -4.55
CA LYS A 668 1.47 -12.35 -4.51
C LYS A 668 1.11 -13.45 -3.53
N TYR A 669 0.12 -13.24 -2.68
CA TYR A 669 -0.29 -14.24 -1.71
C TYR A 669 -1.41 -15.14 -2.20
N GLU A 670 -2.15 -14.73 -3.21
CA GLU A 670 -3.11 -15.62 -3.84
C GLU A 670 -2.42 -16.45 -4.91
N GLN A 671 -2.79 -17.72 -4.98
CA GLN A 671 -1.93 -18.74 -5.54
C GLN A 671 -2.08 -18.89 -7.06
N TYR A 672 -3.24 -18.54 -7.59
CA TYR A 672 -3.46 -18.57 -9.03
C TYR A 672 -3.42 -17.16 -9.61
N LEU A 673 -3.20 -17.08 -10.93
CA LEU A 673 -3.00 -15.80 -11.59
C LEU A 673 -4.30 -15.01 -11.71
N ASP A 674 -5.43 -15.68 -11.90
CA ASP A 674 -6.71 -14.99 -12.05
C ASP A 674 -7.46 -15.00 -10.72
N ASN A 675 -6.96 -14.22 -9.78
CA ASN A 675 -7.56 -14.12 -8.46
C ASN A 675 -8.91 -13.41 -8.56
N LEU A 676 -9.54 -13.21 -7.40
CA LEU A 676 -10.60 -12.23 -7.32
C LEU A 676 -10.08 -10.89 -6.81
N LEU A 677 -8.92 -10.90 -6.17
CA LEU A 677 -8.22 -9.67 -5.84
C LEU A 677 -7.76 -8.94 -7.09
N VAL A 678 -7.27 -9.69 -8.08
CA VAL A 678 -6.91 -9.10 -9.37
C VAL A 678 -8.12 -8.39 -9.96
N ARG A 679 -9.28 -9.04 -9.92
CA ARG A 679 -10.50 -8.44 -10.44
C ARG A 679 -10.85 -7.16 -9.69
N PHE A 680 -10.78 -7.19 -8.35
CA PHE A 680 -11.09 -6.00 -7.56
C PHE A 680 -10.14 -4.84 -7.89
N LEU A 681 -8.84 -5.10 -7.87
CA LEU A 681 -7.85 -4.06 -8.11
C LEU A 681 -7.97 -3.50 -9.52
N LEU A 682 -8.19 -4.37 -10.51
CA LEU A 682 -8.34 -3.90 -11.88
C LEU A 682 -9.59 -3.06 -12.05
N LYS A 683 -10.72 -3.52 -11.52
CA LYS A 683 -11.96 -2.76 -11.67
C LYS A 683 -11.82 -1.39 -11.01
N LYS A 684 -11.18 -1.33 -9.83
CA LYS A 684 -10.98 -0.04 -9.20
C LYS A 684 -10.04 0.85 -10.02
N ALA A 685 -8.98 0.26 -10.59
CA ALA A 685 -8.07 1.04 -11.42
C ALA A 685 -8.71 1.53 -12.71
N LEU A 686 -9.80 0.91 -13.15
CA LEU A 686 -10.51 1.32 -14.35
C LEU A 686 -11.66 2.29 -14.05
N THR A 687 -11.63 2.93 -12.90
CA THR A 687 -12.62 3.96 -12.57
C THR A 687 -11.99 5.25 -12.06
N ASN A 688 -10.79 5.21 -11.47
CA ASN A 688 -10.07 6.40 -11.08
C ASN A 688 -8.62 6.27 -11.52
N GLN A 689 -8.05 7.37 -12.04
CA GLN A 689 -6.64 7.43 -12.40
C GLN A 689 -5.76 7.80 -11.21
N ARG A 690 -6.23 7.49 -10.01
CA ARG A 690 -5.37 7.46 -8.83
C ARG A 690 -5.13 6.02 -8.42
N ILE A 691 -6.21 5.25 -8.29
CA ILE A 691 -6.08 3.80 -8.21
C ILE A 691 -5.38 3.29 -9.46
N GLY A 692 -5.77 3.81 -10.63
CA GLY A 692 -5.11 3.43 -11.86
C GLY A 692 -3.66 3.87 -11.91
N HIS A 693 -3.42 5.17 -11.64
CA HIS A 693 -2.08 5.74 -11.67
C HIS A 693 -1.14 5.03 -10.69
N PHE A 694 -1.54 4.94 -9.43
CA PHE A 694 -0.67 4.39 -8.42
C PHE A 694 -0.62 2.87 -8.49
N PHE A 695 -1.72 2.22 -8.86
CA PHE A 695 -1.68 0.78 -9.11
C PHE A 695 -0.70 0.45 -10.23
N PHE A 696 -0.79 1.20 -11.32
CA PHE A 696 0.12 1.02 -12.45
C PHE A 696 1.56 1.21 -12.03
N TRP A 697 1.84 2.25 -11.25
CA TRP A 697 3.23 2.51 -10.87
C TRP A 697 3.73 1.56 -9.80
N HIS A 698 2.85 1.05 -8.93
CA HIS A 698 3.21 -0.01 -8.01
C HIS A 698 3.64 -1.26 -8.76
N LEU A 699 2.81 -1.69 -9.72
CA LEU A 699 3.16 -2.86 -10.53
C LEU A 699 4.44 -2.61 -11.32
N LYS A 700 4.57 -1.43 -11.92
CA LYS A 700 5.78 -1.10 -12.68
C LYS A 700 7.01 -1.16 -11.78
N SER A 701 6.87 -0.74 -10.52
CA SER A 701 7.95 -0.89 -9.57
C SER A 701 8.27 -2.36 -9.34
N GLU A 702 7.25 -3.20 -9.21
CA GLU A 702 7.47 -4.61 -8.92
C GLU A 702 7.55 -5.48 -10.17
N MET A 703 7.83 -4.88 -11.33
CA MET A 703 8.15 -5.66 -12.53
C MET A 703 9.56 -6.23 -12.51
N HIS A 704 10.51 -5.51 -11.91
CA HIS A 704 11.90 -5.95 -11.94
C HIS A 704 12.12 -7.23 -11.14
N ASN A 705 11.15 -7.67 -10.35
CA ASN A 705 11.23 -8.92 -9.60
C ASN A 705 10.75 -10.05 -10.50
N LYS A 706 11.61 -11.05 -10.72
CA LYS A 706 11.26 -12.17 -11.58
C LYS A 706 10.15 -13.01 -10.97
N THR A 707 10.04 -13.02 -9.63
CA THR A 707 9.04 -13.84 -8.97
C THR A 707 7.63 -13.43 -9.36
N VAL A 708 7.36 -12.13 -9.41
CA VAL A 708 6.03 -11.62 -9.70
C VAL A 708 5.96 -10.93 -11.06
N SER A 709 7.02 -11.03 -11.86
CA SER A 709 6.99 -10.43 -13.20
C SER A 709 5.93 -11.10 -14.06
N GLN A 710 5.80 -12.42 -13.96
CA GLN A 710 4.80 -13.14 -14.75
C GLN A 710 3.38 -12.66 -14.41
N ARG A 711 3.10 -12.47 -13.12
CA ARG A 711 1.79 -11.95 -12.70
C ARG A 711 1.62 -10.50 -13.14
N PHE A 712 2.60 -9.66 -12.83
CA PHE A 712 2.42 -8.21 -12.92
C PHE A 712 2.52 -7.70 -14.35
N GLY A 713 3.28 -8.34 -15.22
CA GLY A 713 3.23 -7.98 -16.63
C GLY A 713 1.86 -8.22 -17.23
N LEU A 714 1.29 -9.38 -16.96
CA LEU A 714 -0.05 -9.70 -17.45
C LEU A 714 -1.07 -8.73 -16.87
N LEU A 715 -0.95 -8.44 -15.58
CA LEU A 715 -1.88 -7.50 -14.95
C LEU A 715 -1.74 -6.10 -15.54
N LEU A 716 -0.50 -5.65 -15.75
CA LEU A 716 -0.27 -4.33 -16.32
C LEU A 716 -0.88 -4.22 -17.71
N GLU A 717 -0.55 -5.16 -18.59
CA GLU A 717 -1.12 -5.14 -19.94
C GLU A 717 -2.62 -5.36 -19.94
N SER A 718 -3.17 -6.02 -18.93
CA SER A 718 -4.62 -6.04 -18.79
C SER A 718 -5.14 -4.64 -18.46
N TYR A 719 -4.35 -3.84 -17.74
CA TYR A 719 -4.78 -2.47 -17.45
C TYR A 719 -4.48 -1.50 -18.60
N CYS A 720 -3.36 -1.70 -19.31
CA CYS A 720 -3.00 -0.78 -20.39
C CYS A 720 -3.93 -0.86 -21.59
N ARG A 721 -4.84 -1.83 -21.64
CA ARG A 721 -5.78 -1.90 -22.75
C ARG A 721 -7.08 -1.15 -22.48
N ALA A 722 -7.40 -0.85 -21.22
CA ALA A 722 -8.68 -0.24 -20.89
C ALA A 722 -8.55 1.00 -20.00
N CYS A 723 -7.34 1.48 -19.75
CA CYS A 723 -7.21 2.75 -19.04
C CYS A 723 -7.74 3.90 -19.89
N GLY A 724 -7.45 3.89 -21.18
CA GLY A 724 -7.98 4.87 -22.10
C GLY A 724 -6.94 5.82 -22.64
N MET A 725 -7.29 7.09 -22.78
CA MET A 725 -6.34 8.11 -23.23
C MET A 725 -5.14 8.20 -22.29
N TYR A 726 -5.35 7.93 -20.99
CA TYR A 726 -4.30 8.16 -20.01
C TYR A 726 -3.04 7.40 -20.35
N LEU A 727 -3.16 6.29 -21.08
CA LEU A 727 -2.00 5.51 -21.47
C LEU A 727 -0.95 6.40 -22.12
N LYS A 728 -1.37 7.25 -23.06
CA LYS A 728 -0.43 8.17 -23.69
C LYS A 728 0.25 9.04 -22.63
N HIS A 729 -0.53 9.70 -21.79
CA HIS A 729 0.05 10.44 -20.67
C HIS A 729 0.87 9.50 -19.80
N LEU A 730 0.33 8.31 -19.55
CA LEU A 730 1.08 7.30 -18.81
C LEU A 730 2.40 7.01 -19.49
N ASN A 731 2.37 6.80 -20.81
CA ASN A 731 3.62 6.67 -21.55
C ASN A 731 4.47 7.91 -21.36
N ARG A 732 3.86 9.09 -21.51
CA ARG A 732 4.60 10.32 -21.29
C ARG A 732 5.13 10.40 -19.87
N GLN A 733 4.41 9.85 -18.89
CA GLN A 733 4.97 9.68 -17.56
C GLN A 733 6.14 8.72 -17.60
N VAL A 734 5.90 7.49 -18.08
CA VAL A 734 6.94 6.47 -18.09
C VAL A 734 8.13 6.96 -18.88
N GLU A 735 7.88 7.49 -20.09
CA GLU A 735 8.95 8.08 -20.87
C GLU A 735 9.70 9.13 -20.07
N ALA A 736 8.95 10.08 -19.49
CA ALA A 736 9.59 11.12 -18.68
C ALA A 736 10.32 10.52 -17.51
N MET A 737 9.81 9.43 -16.95
CA MET A 737 10.55 8.78 -15.87
C MET A 737 11.77 8.06 -16.41
N GLU A 738 11.63 7.37 -17.56
CA GLU A 738 12.73 6.50 -17.98
C GLU A 738 13.92 7.31 -18.51
N LYS A 739 13.69 8.57 -18.91
CA LYS A 739 14.82 9.48 -19.08
C LYS A 739 15.48 9.80 -17.74
N LEU A 740 14.68 10.21 -16.75
CA LEU A 740 15.22 10.45 -15.43
C LEU A 740 15.83 9.19 -14.85
N ILE A 741 15.14 8.06 -14.98
CA ILE A 741 15.73 6.77 -14.62
C ILE A 741 17.03 6.56 -15.38
N ASN A 742 17.04 6.85 -16.69
CA ASN A 742 18.29 6.84 -17.43
C ASN A 742 19.24 7.90 -16.92
N LEU A 743 18.71 9.11 -16.69
CA LEU A 743 19.56 10.23 -16.31
C LEU A 743 20.34 9.92 -15.05
N THR A 744 19.65 9.44 -14.02
CA THR A 744 20.32 9.05 -12.79
C THR A 744 21.39 7.99 -13.06
N ASP A 745 21.05 6.99 -13.87
CA ASP A 745 22.04 5.98 -14.21
C ASP A 745 23.18 6.58 -15.01
N ILE A 746 22.88 7.59 -15.84
CA ILE A 746 23.94 8.34 -16.49
C ILE A 746 24.78 9.07 -15.45
N LEU A 747 24.11 9.62 -14.42
CA LEU A 747 24.83 10.37 -13.40
C LEU A 747 25.63 9.43 -12.49
N LYS A 748 25.10 8.26 -12.21
CA LYS A 748 25.78 7.28 -11.39
C LYS A 748 26.62 6.33 -12.24
N THR A 755 31.15 18.04 -7.48
CA THR A 755 30.26 17.07 -8.12
C THR A 755 28.84 17.63 -8.24
N GLN A 756 28.70 18.95 -8.09
CA GLN A 756 27.41 19.60 -8.16
C GLN A 756 27.31 20.58 -9.32
N LYS A 757 28.27 21.50 -9.44
CA LYS A 757 28.22 22.48 -10.53
C LYS A 757 28.27 21.78 -11.88
N VAL A 758 29.20 20.84 -12.05
CA VAL A 758 29.21 20.01 -13.25
C VAL A 758 27.91 19.22 -13.36
N GLN A 759 27.43 18.71 -12.22
CA GLN A 759 26.13 18.04 -12.19
C GLN A 759 25.00 18.97 -12.60
N MET A 760 24.99 20.21 -12.08
CA MET A 760 23.92 21.14 -12.43
C MET A 760 23.92 21.45 -13.92
N LYS A 761 25.09 21.76 -14.47
CA LYS A 761 25.15 22.09 -15.89
C LYS A 761 24.86 20.87 -16.76
N PHE A 762 25.28 19.67 -16.34
CA PHE A 762 24.99 18.47 -17.10
C PHE A 762 23.49 18.19 -17.13
N LEU A 763 22.81 18.38 -15.99
CA LEU A 763 21.37 18.13 -15.95
C LEU A 763 20.62 19.20 -16.75
N VAL A 764 21.08 20.45 -16.70
CA VAL A 764 20.46 21.49 -17.52
C VAL A 764 20.61 21.16 -19.01
N GLU A 765 21.82 20.73 -19.41
CA GLU A 765 22.04 20.32 -20.79
C GLU A 765 21.20 19.11 -21.17
N GLN A 766 21.04 18.17 -20.24
CA GLN A 766 20.28 16.95 -20.48
C GLN A 766 18.78 17.17 -20.45
N MET A 767 18.30 18.33 -19.99
CA MET A 767 16.89 18.67 -20.20
C MET A 767 16.67 19.76 -21.24
N ARG A 768 17.73 20.39 -21.75
CA ARG A 768 17.56 21.37 -22.82
C ARG A 768 17.47 20.72 -24.19
N ARG A 769 17.88 19.47 -24.33
CA ARG A 769 17.82 18.80 -25.63
C ARG A 769 16.37 18.60 -26.04
N PRO A 770 16.04 18.77 -27.32
CA PRO A 770 14.64 18.66 -27.74
C PRO A 770 14.01 17.30 -27.44
N ASP A 771 14.78 16.22 -27.59
CA ASP A 771 14.22 14.91 -27.28
C ASP A 771 13.96 14.76 -25.78
N PHE A 772 14.88 15.21 -24.94
CA PHE A 772 14.66 15.16 -23.50
C PHE A 772 13.57 16.13 -23.07
N MET A 773 13.67 17.39 -23.53
CA MET A 773 12.69 18.40 -23.15
C MET A 773 11.28 18.06 -23.64
N ASP A 774 11.16 17.27 -24.71
CA ASP A 774 9.84 16.85 -25.15
C ASP A 774 9.20 15.94 -24.11
N ALA A 775 9.91 14.90 -23.68
CA ALA A 775 9.34 13.96 -22.73
C ALA A 775 9.18 14.56 -21.34
N LEU A 776 9.84 15.68 -21.06
CA LEU A 776 9.89 16.26 -19.72
C LEU A 776 9.14 17.58 -19.69
N GLN A 777 7.93 17.58 -20.25
CA GLN A 777 7.09 18.76 -20.30
C GLN A 777 5.69 18.34 -20.70
N GLY A 778 4.69 18.98 -20.10
CA GLY A 778 3.32 18.75 -20.52
C GLY A 778 2.74 17.41 -20.13
N PHE A 779 3.27 16.77 -19.11
CA PHE A 779 2.72 15.53 -18.60
C PHE A 779 2.26 15.75 -17.16
N LEU A 780 1.88 14.66 -16.50
CA LEU A 780 1.35 14.72 -15.15
C LEU A 780 2.36 14.16 -14.17
N SER A 781 2.26 14.60 -12.93
CA SER A 781 3.18 14.12 -11.90
C SER A 781 2.88 12.66 -11.58
N PRO A 782 3.91 11.82 -11.47
CA PRO A 782 3.68 10.48 -10.93
C PRO A 782 3.22 10.48 -9.49
N LEU A 783 3.46 11.54 -8.74
CA LEU A 783 2.88 11.69 -7.40
C LEU A 783 1.44 12.14 -7.44
N ASN A 784 1.07 12.96 -8.40
CA ASN A 784 -0.27 13.52 -8.46
C ASN A 784 -0.59 13.86 -9.91
N PRO A 785 -1.42 13.06 -10.58
CA PRO A 785 -1.90 13.45 -11.90
C PRO A 785 -2.71 14.74 -11.89
N ALA A 786 -3.24 15.15 -10.73
CA ALA A 786 -3.89 16.45 -10.63
C ALA A 786 -2.88 17.59 -10.80
N HIS A 787 -1.63 17.37 -10.39
CA HIS A 787 -0.58 18.34 -10.63
C HIS A 787 -0.22 18.32 -12.12
N GLN A 788 -0.83 19.20 -12.90
CA GLN A 788 -0.53 19.27 -14.32
C GLN A 788 0.83 19.93 -14.51
N LEU A 789 1.86 19.13 -14.74
CA LEU A 789 3.19 19.67 -15.02
C LEU A 789 3.23 20.28 -16.41
N GLY A 790 3.71 21.50 -16.49
CA GLY A 790 3.97 22.18 -17.74
C GLY A 790 5.44 22.25 -18.03
N ASN A 791 5.82 23.27 -18.79
CA ASN A 791 7.22 23.40 -19.18
C ASN A 791 8.12 23.52 -17.97
N LEU A 792 9.23 22.78 -18.02
CA LEU A 792 10.18 22.77 -16.92
C LEU A 792 10.72 24.16 -16.64
N ARG A 793 10.73 24.53 -15.38
CA ARG A 793 11.46 25.72 -14.94
C ARG A 793 12.93 25.33 -14.87
N LEU A 794 13.63 25.55 -15.99
CA LEU A 794 15.00 25.09 -16.14
C LEU A 794 15.92 25.64 -15.05
N GLU A 795 15.59 26.82 -14.51
CA GLU A 795 16.46 27.45 -13.53
C GLU A 795 16.38 26.78 -12.17
N GLU A 796 15.18 26.41 -11.74
CA GLU A 796 14.93 25.93 -10.39
C GLU A 796 14.98 24.42 -10.28
N CYS A 797 15.76 23.77 -11.13
CA CYS A 797 15.98 22.32 -11.06
C CYS A 797 17.46 22.08 -10.77
N ARG A 798 17.74 21.36 -9.68
CA ARG A 798 19.11 21.19 -9.20
C ARG A 798 19.29 19.78 -8.65
N ILE A 799 20.52 19.50 -8.19
CA ILE A 799 20.90 18.22 -7.63
C ILE A 799 21.46 18.45 -6.23
N MET A 800 20.97 17.69 -5.27
CA MET A 800 21.44 17.80 -3.90
C MET A 800 22.81 17.14 -3.74
N SER A 801 23.48 17.50 -2.65
CA SER A 801 24.70 16.81 -2.23
C SER A 801 24.37 15.71 -1.23
N SER A 802 23.42 14.85 -1.60
CA SER A 802 22.92 13.79 -0.73
C SER A 802 23.63 12.48 -1.07
N ALA A 803 23.21 11.41 -0.38
CA ALA A 803 23.84 10.11 -0.58
C ALA A 803 23.56 9.57 -1.98
N LYS A 804 22.29 9.56 -2.39
CA LYS A 804 21.90 9.03 -3.68
C LYS A 804 21.77 10.10 -4.76
N ARG A 805 22.00 11.37 -4.41
CA ARG A 805 21.91 12.51 -5.33
C ARG A 805 20.58 12.53 -6.06
N PRO A 806 19.47 12.79 -5.37
CA PRO A 806 18.18 12.87 -6.05
C PRO A 806 18.09 14.13 -6.89
N LEU A 807 17.03 14.22 -7.69
CA LEU A 807 16.80 15.36 -8.57
C LEU A 807 15.76 16.28 -7.94
N TRP A 808 16.20 17.48 -7.60
CA TRP A 808 15.32 18.58 -7.25
C TRP A 808 14.81 19.17 -8.56
N LEU A 809 13.54 18.94 -8.89
CA LEU A 809 13.04 19.37 -10.19
C LEU A 809 11.79 20.24 -10.01
N ASN A 810 11.75 21.31 -10.80
CA ASN A 810 10.74 22.35 -10.70
C ASN A 810 10.03 22.50 -12.04
N TRP A 811 8.70 22.52 -12.01
CA TRP A 811 7.88 22.65 -13.21
C TRP A 811 6.96 23.85 -13.05
N GLU A 812 6.99 24.75 -14.03
CA GLU A 812 6.01 25.81 -14.05
C GLU A 812 4.63 25.22 -14.23
N ASN A 813 3.62 25.91 -13.70
CA ASN A 813 2.25 25.43 -13.80
C ASN A 813 1.60 25.97 -15.07
N PRO A 814 1.22 25.11 -16.02
CA PRO A 814 0.52 25.61 -17.21
C PRO A 814 -0.84 26.20 -16.90
N ASP A 815 -1.35 25.99 -15.70
CA ASP A 815 -2.56 26.68 -15.27
C ASP A 815 -2.33 28.19 -15.36
N ILE A 816 -3.37 28.89 -15.81
CA ILE A 816 -3.24 30.33 -16.07
C ILE A 816 -2.82 31.07 -14.81
N MET A 817 -3.36 30.69 -13.66
CA MET A 817 -3.07 31.32 -12.38
C MET A 817 -2.29 30.34 -11.50
N SER A 818 -0.97 30.35 -11.67
CA SER A 818 -0.08 29.49 -10.88
C SER A 818 0.10 30.03 -9.48
N GLU A 819 0.00 31.35 -9.30
CA GLU A 819 0.41 32.03 -8.07
C GLU A 819 -0.46 31.69 -6.87
N LEU A 820 -1.60 31.04 -7.04
CA LEU A 820 -2.52 30.88 -5.92
C LEU A 820 -2.06 29.76 -4.98
N LEU A 821 -2.04 28.51 -5.46
CA LEU A 821 -1.45 27.45 -4.66
C LEU A 821 0.07 27.54 -4.65
N PHE A 822 0.70 27.36 -5.80
CA PHE A 822 2.15 27.39 -5.87
C PHE A 822 2.55 27.82 -7.27
N GLN A 823 3.38 28.86 -7.37
CA GLN A 823 3.85 29.32 -8.66
C GLN A 823 4.54 28.22 -9.44
N ASN A 824 5.22 27.31 -8.74
CA ASN A 824 5.94 26.22 -9.38
C ASN A 824 5.77 24.96 -8.56
N ASN A 825 5.94 23.82 -9.22
CA ASN A 825 5.79 22.50 -8.60
C ASN A 825 7.17 21.89 -8.39
N GLU A 826 7.45 21.47 -7.16
CA GLU A 826 8.73 20.93 -6.78
C GLU A 826 8.61 19.45 -6.45
N ILE A 827 9.55 18.64 -6.93
CA ILE A 827 9.56 17.20 -6.67
C ILE A 827 11.00 16.72 -6.50
N ILE A 828 11.20 15.79 -5.57
CA ILE A 828 12.45 15.07 -5.41
C ILE A 828 12.35 13.74 -6.14
N PHE A 829 13.36 13.43 -6.96
CA PHE A 829 13.44 12.17 -7.70
C PHE A 829 14.62 11.39 -7.15
N LYS A 830 14.34 10.45 -6.26
CA LYS A 830 15.37 9.57 -5.71
C LYS A 830 15.52 8.35 -6.62
N ASN A 831 16.76 7.91 -6.82
CA ASN A 831 17.05 6.73 -7.62
C ASN A 831 18.16 5.96 -6.92
N GLY A 832 17.78 4.94 -6.15
CA GLY A 832 18.75 4.14 -5.44
C GLY A 832 18.30 3.67 -4.07
N ASP A 833 17.18 4.19 -3.58
CA ASP A 833 16.67 3.85 -2.27
C ASP A 833 15.23 3.39 -2.36
N ASP A 834 14.91 2.33 -1.63
CA ASP A 834 13.55 1.80 -1.60
C ASP A 834 12.63 2.79 -0.92
N LEU A 835 11.41 2.93 -1.46
CA LEU A 835 10.43 3.87 -0.93
C LEU A 835 9.11 3.20 -0.57
N ARG A 836 9.09 1.87 -0.46
CA ARG A 836 7.90 1.18 0.05
C ARG A 836 7.81 1.32 1.56
N GLN A 837 8.94 1.27 2.24
CA GLN A 837 8.98 1.51 3.68
C GLN A 837 8.67 2.97 4.00
N ASP A 838 9.15 3.90 3.16
CA ASP A 838 8.81 5.31 3.34
C ASP A 838 7.30 5.52 3.21
N MET A 839 6.68 4.97 2.18
CA MET A 839 5.23 5.08 2.06
C MET A 839 4.53 4.39 3.21
N LEU A 840 5.08 3.28 3.69
CA LEU A 840 4.47 2.60 4.83
C LEU A 840 4.44 3.52 6.05
N THR A 841 5.56 4.18 6.34
CA THR A 841 5.59 5.14 7.45
C THR A 841 4.60 6.27 7.23
N LEU A 842 4.58 6.86 6.03
CA LEU A 842 3.70 8.00 5.77
C LEU A 842 2.23 7.63 5.86
N GLN A 843 1.87 6.42 5.43
CA GLN A 843 0.47 6.04 5.54
C GLN A 843 0.09 5.70 6.97
N ILE A 844 0.97 5.05 7.73
CA ILE A 844 0.67 4.84 9.14
C ILE A 844 0.46 6.19 9.81
N ILE A 845 1.29 7.17 9.45
CA ILE A 845 1.15 8.54 9.94
C ILE A 845 -0.21 9.11 9.55
N ARG A 846 -0.66 8.85 8.31
CA ARG A 846 -1.93 9.41 7.88
C ARG A 846 -3.09 8.87 8.69
N ILE A 847 -3.15 7.54 8.88
CA ILE A 847 -4.27 7.00 9.67
C ILE A 847 -4.14 7.39 11.14
N MET A 848 -2.92 7.49 11.68
CA MET A 848 -2.76 7.94 13.05
C MET A 848 -3.27 9.36 13.23
N GLU A 849 -2.96 10.25 12.28
CA GLU A 849 -3.51 11.59 12.31
C GLU A 849 -5.03 11.57 12.19
N ASN A 850 -5.56 10.71 11.33
CA ASN A 850 -6.99 10.70 11.09
C ASN A 850 -7.76 10.14 12.29
N ILE A 851 -7.12 9.31 13.13
CA ILE A 851 -7.75 8.86 14.37
C ILE A 851 -7.27 9.64 15.58
N TRP A 852 -6.42 10.64 15.38
CA TRP A 852 -6.17 11.69 16.38
C TRP A 852 -7.01 12.93 16.13
N GLN A 853 -7.16 13.32 14.87
CA GLN A 853 -7.90 14.52 14.50
C GLN A 853 -9.37 14.23 14.24
N ASN A 854 -9.85 13.04 14.58
CA ASN A 854 -11.28 12.76 14.57
C ASN A 854 -11.86 12.58 15.96
N GLN A 855 -11.02 12.36 16.97
CA GLN A 855 -11.45 12.27 18.35
C GLN A 855 -11.44 13.62 19.05
N GLY A 856 -10.90 14.66 18.42
CA GLY A 856 -10.80 15.98 19.02
C GLY A 856 -9.44 16.32 19.59
N LEU A 857 -8.44 15.47 19.41
CA LEU A 857 -7.09 15.70 19.92
C LEU A 857 -6.26 16.27 18.77
N ASP A 858 -6.24 17.60 18.68
CA ASP A 858 -5.81 18.31 17.48
C ASP A 858 -4.29 18.24 17.31
N LEU A 859 -3.80 17.03 17.04
CA LEU A 859 -2.39 16.80 16.75
C LEU A 859 -2.17 17.00 15.25
N ARG A 860 -1.23 17.86 14.91
CA ARG A 860 -1.08 18.35 13.54
C ARG A 860 0.18 17.81 12.89
N MET A 861 0.03 17.33 11.65
CA MET A 861 1.13 16.68 10.96
C MET A 861 0.87 16.70 9.46
N LEU A 862 1.85 16.24 8.70
CA LEU A 862 1.80 16.25 7.24
C LEU A 862 2.14 14.89 6.65
N PRO A 863 1.15 14.06 6.40
CA PRO A 863 1.38 12.85 5.58
C PRO A 863 1.32 13.20 4.10
N TYR A 864 2.47 13.30 3.44
CA TYR A 864 2.55 13.86 2.11
C TYR A 864 2.72 12.76 1.05
N GLY A 865 2.90 13.19 -0.19
CA GLY A 865 2.96 12.26 -1.30
C GLY A 865 4.31 11.58 -1.43
N CYS A 866 4.26 10.31 -1.81
CA CYS A 866 5.44 9.49 -2.04
C CYS A 866 5.04 8.36 -2.97
N LEU A 867 5.90 8.07 -3.94
CA LEU A 867 5.62 6.96 -4.86
C LEU A 867 6.92 6.39 -5.40
N SER A 868 7.16 5.12 -5.16
CA SER A 868 8.30 4.41 -5.74
C SER A 868 7.91 3.94 -7.14
N ILE A 869 8.60 4.44 -8.15
CA ILE A 869 8.17 4.24 -9.54
C ILE A 869 8.81 3.03 -10.20
N GLY A 870 9.86 2.47 -9.63
CA GLY A 870 10.50 1.29 -10.18
C GLY A 870 11.19 0.48 -9.11
N ASP A 871 12.41 0.04 -9.37
CA ASP A 871 13.23 -0.61 -8.36
C ASP A 871 14.02 0.46 -7.63
N CYS A 872 13.74 0.64 -6.34
CA CYS A 872 14.45 1.60 -5.48
C CYS A 872 14.55 2.98 -6.14
N VAL A 873 13.54 3.36 -6.91
CA VAL A 873 13.45 4.68 -7.53
C VAL A 873 12.06 5.23 -7.29
N GLY A 874 11.98 6.51 -6.96
CA GLY A 874 10.70 7.09 -6.61
C GLY A 874 10.77 8.61 -6.51
N LEU A 875 9.64 9.17 -6.07
CA LEU A 875 9.36 10.59 -6.13
C LEU A 875 8.66 11.05 -4.86
N ILE A 876 9.06 12.23 -4.37
CA ILE A 876 8.60 12.80 -3.11
C ILE A 876 8.15 14.24 -3.37
N GLU A 877 6.95 14.59 -2.94
CA GLU A 877 6.51 15.98 -3.03
C GLU A 877 7.25 16.85 -2.01
N VAL A 878 8.02 17.80 -2.52
CA VAL A 878 8.70 18.76 -1.66
C VAL A 878 7.67 19.64 -0.96
N VAL A 879 7.86 19.81 0.35
CA VAL A 879 7.15 20.82 1.10
C VAL A 879 8.06 22.04 1.15
N ARG A 880 7.73 23.06 0.35
CA ARG A 880 8.51 24.29 0.36
C ARG A 880 8.22 25.14 1.58
N ASN A 881 7.03 24.99 2.18
CA ASN A 881 6.72 25.67 3.44
C ASN A 881 7.68 25.24 4.54
N SER A 882 7.90 23.94 4.68
CA SER A 882 8.81 23.41 5.68
C SER A 882 10.21 23.91 5.44
N HIS A 883 10.75 24.66 6.39
CA HIS A 883 11.99 25.40 6.18
C HIS A 883 13.17 24.44 6.12
N THR A 884 14.37 25.01 6.05
CA THR A 884 15.60 24.24 5.91
C THR A 884 15.71 23.19 7.03
N ILE A 885 16.51 22.16 6.77
CA ILE A 885 16.77 21.16 7.79
C ILE A 885 17.37 21.82 9.02
N MET A 886 17.09 21.24 10.18
CA MET A 886 17.56 21.81 11.44
C MET A 886 19.07 21.73 11.59
N GLN A 887 19.76 20.98 10.73
CA GLN A 887 21.21 21.00 10.74
C GLN A 887 21.77 22.34 10.31
N ILE A 888 20.98 23.14 9.57
CA ILE A 888 21.37 24.48 9.18
C ILE A 888 20.38 25.52 9.69
N GLN A 889 19.07 25.23 9.61
CA GLN A 889 18.05 26.14 10.11
C GLN A 889 18.14 26.32 11.62
N CYS A 890 18.71 25.36 12.34
CA CYS A 890 18.90 25.46 13.77
C CYS A 890 20.36 25.38 14.17
N LYS A 891 21.13 24.45 13.60
CA LYS A 891 22.53 24.28 13.96
C LYS A 891 23.48 25.07 13.05
N GLY A 892 22.97 25.68 11.98
CA GLY A 892 23.78 26.53 11.14
C GLY A 892 24.96 25.83 10.48
N GLY A 893 24.68 24.88 9.59
CA GLY A 893 25.73 24.16 8.90
C GLY A 893 26.50 25.00 7.91
N ASN A 901 25.34 27.39 20.12
CA ASN A 901 24.13 27.83 20.81
C ASN A 901 23.03 26.77 20.71
N SER A 902 22.13 26.77 21.70
CA SER A 902 21.00 25.83 21.72
C SER A 902 19.67 26.56 21.83
N HIS A 903 19.62 27.84 21.45
CA HIS A 903 18.40 28.63 21.51
C HIS A 903 17.96 29.09 20.12
N THR A 904 18.45 28.42 19.07
CA THR A 904 18.24 28.94 17.71
C THR A 904 16.82 28.71 17.23
N LEU A 905 16.24 27.55 17.53
CA LEU A 905 14.94 27.20 16.95
C LEU A 905 13.86 28.15 17.43
N HIS A 906 13.77 28.37 18.74
CA HIS A 906 12.73 29.25 19.27
C HIS A 906 12.92 30.68 18.82
N GLN A 907 14.17 31.15 18.78
CA GLN A 907 14.43 32.51 18.32
C GLN A 907 14.05 32.69 16.86
N TRP A 908 14.39 31.71 16.01
CA TRP A 908 14.03 31.79 14.61
C TRP A 908 12.53 31.72 14.40
N LEU A 909 11.84 30.87 15.18
CA LEU A 909 10.40 30.79 15.05
C LEU A 909 9.72 32.08 15.56
N LYS A 910 10.31 32.72 16.57
CA LYS A 910 9.73 33.95 17.10
C LYS A 910 9.96 35.14 16.17
N ASP A 911 11.17 35.28 15.60
CA ASP A 911 11.41 36.41 14.71
C ASP A 911 10.64 36.28 13.40
N LYS A 912 10.19 35.08 13.05
CA LYS A 912 9.35 34.87 11.88
C LYS A 912 7.87 34.88 12.20
N ASN A 913 7.50 35.12 13.46
CA ASN A 913 6.10 35.15 13.85
C ASN A 913 5.99 36.02 15.09
N LYS A 914 5.53 37.26 14.91
CA LYS A 914 5.45 38.24 15.98
C LYS A 914 4.03 38.80 16.06
N GLY A 915 3.62 39.12 17.28
CA GLY A 915 2.31 39.71 17.49
C GLY A 915 1.30 38.74 18.07
N GLU A 916 0.01 38.96 17.78
CA GLU A 916 -1.03 38.08 18.27
C GLU A 916 -0.99 36.72 17.62
N ILE A 917 -0.28 36.58 16.49
CA ILE A 917 -0.12 35.28 15.85
C ILE A 917 0.91 34.40 16.53
N TYR A 918 1.58 34.89 17.57
CA TYR A 918 2.58 34.11 18.28
C TYR A 918 1.99 32.93 19.04
N ASP A 919 0.66 32.87 19.18
CA ASP A 919 0.05 31.73 19.85
C ASP A 919 0.22 30.46 19.02
N ALA A 920 -0.37 30.44 17.82
CA ALA A 920 -0.38 29.22 17.03
C ALA A 920 1.03 28.76 16.67
N ALA A 921 1.91 29.70 16.33
CA ALA A 921 3.28 29.34 15.98
C ALA A 921 3.99 28.62 17.12
N ILE A 922 3.52 28.79 18.34
CA ILE A 922 3.92 27.94 19.46
C ILE A 922 2.87 26.88 19.74
N ASP A 923 1.59 27.24 19.66
CA ASP A 923 0.53 26.30 20.01
C ASP A 923 0.57 25.07 19.12
N LEU A 924 0.78 25.26 17.82
CA LEU A 924 0.87 24.12 16.92
C LEU A 924 2.24 23.48 16.90
N PHE A 925 3.24 24.04 17.59
CA PHE A 925 4.53 23.35 17.68
C PHE A 925 4.43 22.14 18.61
N THR A 926 3.83 22.33 19.79
CA THR A 926 3.65 21.21 20.70
C THR A 926 2.81 20.11 20.05
N ARG A 927 1.70 20.50 19.44
CA ARG A 927 0.86 19.55 18.73
C ARG A 927 1.54 18.97 17.49
N SER A 928 2.66 19.54 17.06
CA SER A 928 3.48 18.98 16.00
C SER A 928 4.73 18.31 16.52
N CYS A 929 4.94 18.30 17.84
CA CYS A 929 6.00 17.52 18.46
C CYS A 929 5.48 16.44 19.38
N ALA A 930 4.25 16.55 19.86
CA ALA A 930 3.65 15.49 20.67
C ALA A 930 3.28 14.29 19.82
N GLY A 931 2.78 14.54 18.61
CA GLY A 931 2.37 13.47 17.73
C GLY A 931 3.48 12.80 16.95
N TYR A 932 4.68 13.37 16.93
CA TYR A 932 5.81 12.75 16.26
C TYR A 932 6.88 12.23 17.21
N CYS A 933 6.83 12.61 18.48
CA CYS A 933 7.63 11.91 19.47
C CYS A 933 7.01 10.56 19.82
N VAL A 934 5.68 10.47 19.75
CA VAL A 934 5.00 9.20 20.04
C VAL A 934 4.86 8.34 18.79
N ALA A 935 4.87 8.94 17.60
CA ALA A 935 4.89 8.16 16.36
C ALA A 935 6.26 7.54 16.12
N THR A 936 7.32 8.31 16.35
CA THR A 936 8.66 7.73 16.32
C THR A 936 8.87 6.72 17.43
N PHE A 937 8.00 6.72 18.44
CA PHE A 937 8.07 5.74 19.53
C PHE A 937 7.26 4.48 19.21
N ILE A 938 5.98 4.65 18.89
CA ILE A 938 5.07 3.52 18.74
C ILE A 938 5.56 2.60 17.62
N LEU A 939 6.05 3.16 16.53
CA LEU A 939 6.51 2.37 15.40
C LEU A 939 8.00 2.09 15.44
N GLY A 940 8.70 2.53 16.48
CA GLY A 940 10.12 2.27 16.59
C GLY A 940 10.93 2.79 15.41
N ILE A 941 10.67 4.02 15.03
CA ILE A 941 11.32 4.61 13.87
C ILE A 941 12.72 5.07 14.26
N GLY A 942 13.61 5.12 13.28
CA GLY A 942 15.02 5.30 13.51
C GLY A 942 15.38 6.66 14.07
N ASP A 943 16.69 6.91 14.13
CA ASP A 943 17.21 8.10 14.77
C ASP A 943 16.76 9.37 14.06
N ARG A 944 16.65 10.46 14.82
CA ARG A 944 16.21 11.75 14.33
C ARG A 944 17.40 12.71 14.38
N HIS A 945 18.19 12.71 13.32
CA HIS A 945 19.34 13.61 13.25
C HIS A 945 18.86 15.03 12.94
N ASN A 946 19.79 15.98 13.08
CA ASN A 946 19.49 17.37 12.75
C ASN A 946 19.31 17.60 11.26
N SER A 947 19.68 16.62 10.42
CA SER A 947 19.47 16.69 8.99
C SER A 947 18.24 15.91 8.55
N ASN A 948 17.39 15.49 9.49
CA ASN A 948 16.24 14.67 9.17
C ASN A 948 14.90 15.33 9.52
N ILE A 949 14.92 16.48 10.20
CA ILE A 949 13.72 17.13 10.68
C ILE A 949 13.71 18.56 10.15
N MET A 950 12.53 19.06 9.82
CA MET A 950 12.38 20.44 9.35
C MET A 950 11.19 21.05 10.07
N VAL A 951 10.95 22.34 9.81
CA VAL A 951 9.88 23.08 10.48
C VAL A 951 9.25 24.06 9.50
N LYS A 952 7.93 24.19 9.58
CA LYS A 952 7.20 25.22 8.84
C LYS A 952 7.32 26.55 9.58
N ASP A 953 6.47 27.52 9.23
CA ASP A 953 6.47 28.79 9.93
C ASP A 953 5.20 29.03 10.74
N ASP A 954 4.16 28.21 10.57
CA ASP A 954 3.02 28.20 11.46
C ASP A 954 3.22 27.26 12.64
N GLY A 955 4.46 27.01 13.02
CA GLY A 955 4.78 26.15 14.13
C GLY A 955 4.80 24.67 13.80
N GLN A 956 4.47 24.28 12.58
CA GLN A 956 4.42 22.87 12.23
C GLN A 956 5.82 22.34 11.94
N LEU A 957 6.11 21.15 12.46
CA LEU A 957 7.30 20.40 12.07
C LEU A 957 6.90 18.95 11.89
N PHE A 958 7.74 18.21 11.18
CA PHE A 958 7.50 16.81 10.89
C PHE A 958 8.78 16.21 10.33
N HIS A 959 8.81 14.88 10.27
CA HIS A 959 9.98 14.13 9.86
C HIS A 959 9.82 13.65 8.43
N ILE A 960 10.94 13.61 7.70
CA ILE A 960 10.90 13.35 6.27
C ILE A 960 11.73 12.14 5.87
N ASP A 961 12.83 11.88 6.56
CA ASP A 961 13.73 10.81 6.15
C ASP A 961 13.42 9.57 6.92
N PHE A 962 12.34 8.92 6.56
CA PHE A 962 11.96 7.69 7.21
C PHE A 962 12.66 6.59 6.48
N GLY A 963 12.21 5.37 6.69
CA GLY A 963 12.78 4.30 5.91
C GLY A 963 12.75 3.05 6.71
N HIS A 964 13.84 2.84 7.42
CA HIS A 964 13.95 1.61 8.17
C HIS A 964 13.46 1.85 9.58
N PHE A 965 12.68 0.91 10.12
CA PHE A 965 12.09 1.13 11.43
C PHE A 965 11.63 -0.22 11.98
N LEU A 966 11.08 -0.20 13.20
CA LEU A 966 10.81 -1.42 13.96
C LEU A 966 12.08 -2.24 14.16
N ASP A 967 13.20 -1.57 14.35
CA ASP A 967 14.49 -2.24 14.51
C ASP A 967 15.30 -1.59 15.62
N GLN A 986 18.12 20.82 25.26
CA GLN A 986 17.26 20.47 24.13
C GLN A 986 16.74 21.73 23.43
N ASP A 987 16.78 21.73 22.10
CA ASP A 987 16.23 22.84 21.33
C ASP A 987 14.72 22.78 21.27
N PHE A 988 14.14 21.58 21.20
CA PHE A 988 12.70 21.43 21.09
C PHE A 988 11.99 21.70 22.41
N LEU A 989 12.69 21.57 23.55
CA LEU A 989 12.03 21.73 24.84
C LEU A 989 11.72 23.19 25.13
N ILE A 990 12.68 24.09 24.87
CA ILE A 990 12.49 25.49 25.21
C ILE A 990 11.38 26.12 24.37
N VAL A 991 11.10 25.58 23.20
CA VAL A 991 10.03 26.12 22.37
C VAL A 991 8.67 25.87 23.02
N ILE A 992 8.49 24.70 23.63
CA ILE A 992 7.22 24.40 24.28
C ILE A 992 7.01 25.29 25.49
N SER A 993 8.08 25.60 26.21
CA SER A 993 8.03 26.50 27.35
C SER A 993 8.19 27.95 26.96
N LYS A 994 8.29 28.24 25.66
CA LYS A 994 8.29 29.60 25.11
C LYS A 994 9.53 30.38 25.53
N GLY A 995 10.70 29.73 25.40
CA GLY A 995 11.98 30.39 25.51
C GLY A 995 12.67 30.27 26.85
N ALA A 996 11.95 29.86 27.89
CA ALA A 996 12.56 29.74 29.21
C ALA A 996 13.61 28.65 29.21
N GLN A 997 14.75 28.94 29.86
CA GLN A 997 15.81 27.94 29.96
C GLN A 997 15.42 26.79 30.86
N GLU A 998 14.46 26.99 31.76
CA GLU A 998 13.89 25.92 32.56
C GLU A 998 12.48 25.65 32.04
N CYS A 999 12.22 24.40 31.67
CA CYS A 999 10.98 24.03 31.00
C CYS A 999 10.10 23.08 31.81
N THR A 1000 10.71 22.17 32.58
CA THR A 1000 9.93 21.11 33.23
C THR A 1000 8.93 21.68 34.21
N LYS A 1001 9.31 22.72 34.96
CA LYS A 1001 8.40 23.31 35.93
C LYS A 1001 7.22 24.03 35.29
N THR A 1002 7.33 24.39 34.01
CA THR A 1002 6.28 25.16 33.35
C THR A 1002 5.03 24.31 33.16
N ARG A 1003 3.88 25.00 33.05
CA ARG A 1003 2.63 24.31 32.79
C ARG A 1003 2.51 23.88 31.33
N GLU A 1004 3.18 24.59 30.42
CA GLU A 1004 3.11 24.23 29.01
C GLU A 1004 3.76 22.88 28.76
N PHE A 1005 4.88 22.59 29.43
CA PHE A 1005 5.46 21.26 29.36
C PHE A 1005 4.50 20.22 29.91
N GLU A 1006 3.75 20.57 30.96
CA GLU A 1006 2.75 19.65 31.50
C GLU A 1006 1.67 19.34 30.47
N ARG A 1007 1.18 20.36 29.76
CA ARG A 1007 0.17 20.10 28.75
C ARG A 1007 0.76 19.33 27.57
N PHE A 1008 2.04 19.54 27.27
CA PHE A 1008 2.73 18.74 26.27
C PHE A 1008 2.73 17.27 26.67
N GLN A 1009 3.00 16.98 27.94
CA GLN A 1009 2.91 15.61 28.42
C GLN A 1009 1.47 15.08 28.34
N GLU A 1010 0.49 15.90 28.72
CA GLU A 1010 -0.89 15.45 28.78
C GLU A 1010 -1.53 15.27 27.41
N MET A 1011 -0.95 15.86 26.37
CA MET A 1011 -1.35 15.49 25.02
C MET A 1011 -0.51 14.35 24.44
N CYS A 1012 0.75 14.23 24.87
CA CYS A 1012 1.54 13.07 24.47
C CYS A 1012 0.91 11.77 24.96
N TYR A 1013 0.36 11.78 26.18
CA TYR A 1013 -0.29 10.58 26.69
C TYR A 1013 -1.58 10.29 25.93
N LYS A 1014 -2.41 11.31 25.74
CA LYS A 1014 -3.63 11.13 24.96
C LYS A 1014 -3.33 10.68 23.54
N ALA A 1015 -2.11 10.95 23.05
CA ALA A 1015 -1.72 10.49 21.72
C ALA A 1015 -1.74 8.97 21.63
N TYR A 1016 -1.16 8.29 22.60
CA TYR A 1016 -1.18 6.83 22.59
C TYR A 1016 -2.41 6.25 23.28
N LEU A 1017 -3.23 7.09 23.91
CA LEU A 1017 -4.48 6.59 24.49
C LEU A 1017 -5.38 5.99 23.42
N ALA A 1018 -5.43 6.63 22.25
CA ALA A 1018 -6.27 6.16 21.14
C ALA A 1018 -5.52 5.32 20.12
N ILE A 1019 -4.19 5.49 20.02
CA ILE A 1019 -3.41 4.63 19.14
C ILE A 1019 -3.35 3.21 19.70
N ARG A 1020 -3.26 3.08 21.02
CA ARG A 1020 -3.37 1.78 21.67
C ARG A 1020 -4.81 1.27 21.69
N GLN A 1021 -5.78 2.12 21.41
CA GLN A 1021 -7.16 1.69 21.21
C GLN A 1021 -7.46 1.26 19.79
N HIS A 1022 -6.53 1.51 18.86
CA HIS A 1022 -6.70 1.21 17.44
C HIS A 1022 -5.58 0.32 16.93
N ALA A 1023 -5.10 -0.59 17.78
CA ALA A 1023 -3.91 -1.37 17.46
C ALA A 1023 -4.17 -2.50 16.46
N ASN A 1024 -5.40 -2.98 16.34
CA ASN A 1024 -5.69 -4.04 15.38
C ASN A 1024 -5.41 -3.57 13.95
N LEU A 1025 -5.81 -2.34 13.62
CA LEU A 1025 -5.55 -1.78 12.30
C LEU A 1025 -4.06 -1.78 11.99
N PHE A 1026 -3.25 -1.29 12.93
CA PHE A 1026 -1.82 -1.19 12.69
C PHE A 1026 -1.19 -2.56 12.56
N ILE A 1027 -1.61 -3.52 13.38
CA ILE A 1027 -1.06 -4.87 13.28
C ILE A 1027 -1.41 -5.49 11.93
N ASN A 1028 -2.66 -5.33 11.47
CA ASN A 1028 -3.04 -5.86 10.17
C ASN A 1028 -2.23 -5.24 9.05
N LEU A 1029 -2.07 -3.91 9.07
CA LEU A 1029 -1.31 -3.25 8.02
C LEU A 1029 0.13 -3.73 8.01
N PHE A 1030 0.74 -3.86 9.18
CA PHE A 1030 2.12 -4.33 9.23
C PHE A 1030 2.23 -5.76 8.74
N SER A 1031 1.24 -6.59 9.06
CA SER A 1031 1.30 -7.99 8.65
C SER A 1031 1.13 -8.15 7.15
N MET A 1032 0.39 -7.24 6.50
CA MET A 1032 0.15 -7.42 5.07
C MET A 1032 1.39 -7.20 4.21
N MET A 1033 2.47 -6.64 4.76
CA MET A 1033 3.67 -6.33 3.99
C MET A 1033 4.82 -7.29 4.31
N LEU A 1034 4.52 -8.54 4.66
CA LEU A 1034 5.58 -9.50 4.95
C LEU A 1034 6.26 -10.00 3.68
N GLY A 1035 5.49 -10.28 2.62
CA GLY A 1035 6.05 -10.74 1.38
C GLY A 1035 6.32 -9.60 0.41
N SER A 1036 6.32 -8.37 0.93
CA SER A 1036 6.65 -7.20 0.13
C SER A 1036 8.10 -7.19 -0.31
N GLY A 1037 8.95 -8.03 0.26
CA GLY A 1037 10.37 -7.99 -0.01
C GLY A 1037 11.14 -6.99 0.81
N MET A 1038 10.49 -6.30 1.74
CA MET A 1038 11.19 -5.33 2.58
C MET A 1038 12.15 -6.07 3.52
N PRO A 1039 13.40 -5.61 3.64
CA PRO A 1039 14.35 -6.31 4.51
C PRO A 1039 13.97 -6.30 5.98
N GLU A 1040 13.02 -5.45 6.38
CA GLU A 1040 12.63 -5.35 7.79
C GLU A 1040 11.44 -6.22 8.14
N LEU A 1041 10.46 -6.36 7.25
CA LEU A 1041 9.21 -7.07 7.56
C LEU A 1041 9.24 -8.52 7.09
N GLN A 1042 10.39 -9.19 7.22
CA GLN A 1042 10.49 -10.57 6.74
C GLN A 1042 9.54 -11.50 7.50
N SER A 1043 9.45 -11.35 8.81
CA SER A 1043 8.68 -12.28 9.65
C SER A 1043 7.98 -11.52 10.77
N PHE A 1044 7.13 -12.24 11.51
CA PHE A 1044 6.43 -11.66 12.66
C PHE A 1044 7.39 -11.31 13.79
N ASP A 1045 8.60 -11.88 13.79
CA ASP A 1045 9.61 -11.55 14.79
C ASP A 1045 10.03 -10.10 14.73
N ASP A 1046 9.76 -9.40 13.62
CA ASP A 1046 10.01 -7.97 13.50
C ASP A 1046 8.78 -7.13 13.84
N ILE A 1047 7.58 -7.62 13.56
CA ILE A 1047 6.37 -6.96 14.06
C ILE A 1047 6.21 -7.15 15.55
N ALA A 1048 7.02 -7.99 16.18
CA ALA A 1048 7.07 -8.03 17.64
C ALA A 1048 7.60 -6.72 18.22
N TYR A 1049 8.31 -5.92 17.43
CA TYR A 1049 8.83 -4.65 17.92
C TYR A 1049 7.70 -3.69 18.27
N ILE A 1050 6.67 -3.60 17.43
CA ILE A 1050 5.55 -2.74 17.75
C ILE A 1050 4.79 -3.28 18.95
N ARG A 1051 4.81 -4.60 19.15
CA ARG A 1051 4.24 -5.18 20.35
C ARG A 1051 4.98 -4.70 21.58
N LYS A 1052 6.31 -4.66 21.51
CA LYS A 1052 7.12 -4.15 22.61
C LYS A 1052 6.83 -2.68 22.87
N THR A 1053 6.77 -1.87 21.81
CA THR A 1053 6.62 -0.43 21.98
C THR A 1053 5.23 -0.06 22.48
N LEU A 1054 4.19 -0.71 21.98
CA LEU A 1054 2.84 -0.42 22.44
C LEU A 1054 2.46 -1.20 23.69
N ALA A 1055 3.20 -2.25 24.03
CA ALA A 1055 2.94 -3.09 25.21
C ALA A 1055 1.48 -3.53 25.26
N LEU A 1056 1.11 -4.33 24.24
CA LEU A 1056 -0.28 -4.73 24.06
C LEU A 1056 -0.78 -5.66 25.15
N ASP A 1057 0.10 -6.32 25.88
CA ASP A 1057 -0.34 -7.28 26.89
C ASP A 1057 -0.86 -6.62 28.16
N LYS A 1058 -0.28 -5.48 28.54
CA LYS A 1058 -0.64 -4.84 29.80
C LYS A 1058 -2.03 -4.20 29.72
N THR A 1059 -2.58 -3.86 30.88
CA THR A 1059 -3.88 -3.24 30.96
C THR A 1059 -3.79 -1.75 30.63
N GLU A 1060 -4.96 -1.12 30.49
CA GLU A 1060 -5.01 0.28 30.10
C GLU A 1060 -4.33 1.17 31.12
N GLN A 1061 -4.57 0.93 32.41
CA GLN A 1061 -3.93 1.72 33.45
C GLN A 1061 -2.44 1.42 33.55
N GLU A 1062 -2.07 0.14 33.37
CA GLU A 1062 -0.66 -0.24 33.46
C GLU A 1062 0.15 0.29 32.29
N ALA A 1063 -0.49 0.47 31.13
CA ALA A 1063 0.22 0.98 29.97
C ALA A 1063 0.53 2.46 30.08
N LEU A 1064 -0.11 3.18 31.00
CA LEU A 1064 0.15 4.61 31.16
C LEU A 1064 1.60 4.87 31.55
N GLU A 1065 2.12 4.09 32.49
CA GLU A 1065 3.48 4.27 32.97
C GLU A 1065 4.51 3.60 32.07
N TYR A 1066 4.09 2.71 31.17
CA TYR A 1066 5.02 2.07 30.25
C TYR A 1066 5.71 3.09 29.37
N PHE A 1067 4.95 3.96 28.71
CA PHE A 1067 5.55 5.04 27.94
C PHE A 1067 6.25 6.04 28.85
N MET A 1068 5.71 6.26 30.06
CA MET A 1068 6.27 7.25 30.97
C MET A 1068 7.70 6.90 31.34
N LYS A 1069 8.01 5.61 31.51
CA LYS A 1069 9.36 5.19 31.84
C LYS A 1069 10.36 5.71 30.80
N GLN A 1070 10.21 5.28 29.55
CA GLN A 1070 11.13 5.70 28.51
C GLN A 1070 11.03 7.21 28.25
N MET A 1071 9.86 7.81 28.48
CA MET A 1071 9.68 9.22 28.21
C MET A 1071 10.47 10.07 29.20
N ASN A 1072 10.38 9.74 30.49
CA ASN A 1072 11.21 10.40 31.49
C ASN A 1072 12.67 9.96 31.42
N ASP A 1073 12.96 8.84 30.75
CA ASP A 1073 14.35 8.47 30.53
C ASP A 1073 14.98 9.33 29.43
N ALA A 1074 14.18 9.70 28.42
CA ALA A 1074 14.72 10.43 27.28
C ALA A 1074 15.19 11.83 27.68
N HIS A 1075 14.33 12.58 28.38
CA HIS A 1075 14.64 13.94 28.79
C HIS A 1075 14.93 14.08 30.27
N HIS A 1076 15.10 12.96 30.98
CA HIS A 1076 15.48 12.95 32.39
C HIS A 1076 14.49 13.74 33.25
N GLY A 1077 13.25 13.25 33.26
CA GLY A 1077 12.23 13.85 34.12
C GLY A 1077 11.10 14.52 33.36
N GLY A 1078 9.90 14.42 33.91
CA GLY A 1078 8.74 15.03 33.29
C GLY A 1078 7.48 14.91 34.13
C1 1LT B . 10.29 17.17 1.67
C2 1LT B . 11.61 19.20 1.46
C3 1LT B . 13.01 21.31 0.94
O1 1LT B . 14.82 23.51 2.72
C11 1LT B . 11.55 14.19 1.84
C12 1LT B . 12.17 12.95 1.88
C13 1LT B . 14.24 13.99 1.55
C14 1LT B . 13.61 15.21 1.52
C15 1LT B . 15.80 13.92 1.38
C16 1LT B . 16.32 15.25 0.75
C17 1LT B . 16.45 13.74 2.77
C18 1LT B . 16.23 12.72 0.45
F2 1LT B . 16.31 11.58 1.18
F 1LT B . 15.31 12.56 -0.55
F1 1LT B . 17.47 13.00 -0.09
N4 1LT B . 13.50 12.86 1.74
C10 1LT B . 12.27 15.31 1.67
C9 1LT B . 11.66 16.73 1.61
C 1LT B . 9.05 16.33 1.81
S 1LT B . 12.53 17.98 1.48
N 1LT B . 10.27 18.74 1.57
N1 1LT B . 11.73 20.66 1.36
O 1LT B . 13.96 20.65 0.69
N2 1LT B . 13.07 22.77 0.86
C7 1LT B . 14.12 23.51 0.50
C8 1LT B . 15.15 23.55 1.60
N3 1LT B . 16.55 23.62 1.26
C6 1LT B . 13.56 25.06 0.25
C5 1LT B . 12.22 25.03 0.34
C4 1LT B . 11.89 23.72 1.17
#